data_6PEI
#
_entry.id   6PEI
#
_cell.length_a   82.969
_cell.length_b   89.391
_cell.length_c   87.140
_cell.angle_alpha   90.000
_cell.angle_beta   118.120
_cell.angle_gamma   90.000
#
_symmetry.space_group_name_H-M   'P 1 21 1'
#
loop_
_entity.id
_entity.type
_entity.pdbx_description
1 polymer 'Sorbitol dehydrogenase (L-iditol 2-dehydrogenase)'
2 water water
#
_entity_poly.entity_id   1
_entity_poly.type   'polypeptide(L)'
_entity_poly.pdbx_seq_one_letter_code
;MGSSHHHHHHSSGLVPRGSHMASMTGGQQMGRGSMKRLEGKSALITGSARGIGRAFAEAYVREGATVAIADIDIERARQA
AAEIGPAAYAVQMDVTRQDSIDAAIAATVEHAGGLDILVNNAALFDLAPIVEITRESYEKLFAINVAGTLFTLQAAARQM
IAQGRGGKIINMASQAGRRGEALVAIYCATKAAVISLTQSAGLDLIKHRINVNAIAPGVVDGEHWDGVDALFARYENRPR
GEKKRLVGEAVPFGRMGTAEDLTGMAIFLASAESDYIVSQTYNVDGGNWMS
;
_entity_poly.pdbx_strand_id   A,B,C,D
#
# COMPACT_ATOMS: atom_id res chain seq x y z
N LYS A 36 16.89 -28.02 15.62
CA LYS A 36 16.84 -27.75 14.14
C LYS A 36 17.10 -26.26 13.91
N ARG A 37 16.10 -25.46 13.52
CA ARG A 37 16.37 -24.17 12.82
C ARG A 37 16.79 -23.07 13.80
N LEU A 38 16.41 -23.15 15.08
CA LEU A 38 16.74 -22.11 16.09
C LEU A 38 17.67 -22.69 17.17
N GLU A 39 18.47 -23.68 16.78
CA GLU A 39 19.35 -24.45 17.70
C GLU A 39 20.28 -23.48 18.43
N GLY A 40 20.22 -23.49 19.78
CA GLY A 40 21.10 -22.69 20.65
C GLY A 40 20.74 -21.22 20.67
N LYS A 41 19.62 -20.83 20.05
CA LYS A 41 19.19 -19.42 20.10
C LYS A 41 18.39 -19.22 21.38
N SER A 42 18.51 -18.04 21.95
CA SER A 42 17.79 -17.59 23.16
C SER A 42 16.72 -16.61 22.69
N ALA A 43 15.45 -16.90 22.98
CA ALA A 43 14.28 -16.11 22.52
C ALA A 43 13.55 -15.56 23.73
N LEU A 44 12.85 -14.44 23.55
CA LEU A 44 11.87 -13.95 24.52
C LEU A 44 10.62 -13.55 23.74
N ILE A 45 9.47 -14.08 24.16
CA ILE A 45 8.13 -13.83 23.56
C ILE A 45 7.28 -13.14 24.63
N THR A 46 6.85 -11.90 24.38
CA THR A 46 6.02 -11.16 25.34
C THR A 46 4.63 -11.77 25.28
N GLY A 47 3.96 -11.76 26.43
CA GLY A 47 2.60 -12.31 26.57
C GLY A 47 2.49 -13.72 26.05
N SER A 48 3.38 -14.63 26.47
CA SER A 48 3.49 -16.00 25.90
C SER A 48 2.89 -17.08 26.82
N ALA A 49 2.18 -16.71 27.88
CA ALA A 49 1.62 -17.69 28.85
C ALA A 49 0.56 -18.54 28.14
N ARG A 50 -0.12 -17.97 27.16
CA ARG A 50 -1.24 -18.65 26.45
C ARG A 50 -1.36 -18.14 25.01
N GLY A 51 -2.26 -18.75 24.25
CA GLY A 51 -2.65 -18.32 22.89
C GLY A 51 -1.46 -18.34 21.94
N ILE A 52 -1.37 -17.32 21.09
CA ILE A 52 -0.43 -17.36 19.93
C ILE A 52 1.00 -17.44 20.47
N GLY A 53 1.30 -16.69 21.53
CA GLY A 53 2.67 -16.52 22.06
C GLY A 53 3.19 -17.83 22.60
N ARG A 54 2.33 -18.57 23.30
CA ARG A 54 2.65 -19.90 23.86
C ARG A 54 2.84 -20.90 22.72
N ALA A 55 2.01 -20.84 21.67
CA ALA A 55 2.19 -21.66 20.46
C ALA A 55 3.59 -21.36 19.86
N PHE A 56 3.94 -20.08 19.67
CA PHE A 56 5.30 -19.69 19.20
C PHE A 56 6.38 -20.26 20.15
N ALA A 57 6.18 -20.17 21.48
CA ALA A 57 7.21 -20.63 22.44
C ALA A 57 7.42 -22.14 22.31
N GLU A 58 6.34 -22.92 22.17
CA GLU A 58 6.40 -24.40 21.95
C GLU A 58 7.09 -24.72 20.62
N ALA A 59 6.74 -23.98 19.54
CA ALA A 59 7.35 -24.16 18.20
C ALA A 59 8.86 -23.89 18.31
N TYR A 60 9.26 -22.82 19.00
CA TYR A 60 10.68 -22.38 19.11
C TYR A 60 11.48 -23.43 19.91
N VAL A 61 10.91 -23.95 21.00
CA VAL A 61 11.54 -25.02 21.81
C VAL A 61 11.74 -26.25 20.91
N ARG A 62 10.70 -26.69 20.20
CA ARG A 62 10.80 -27.83 19.23
C ARG A 62 11.97 -27.60 18.24
N GLU A 63 12.26 -26.36 17.85
CA GLU A 63 13.33 -26.04 16.87
C GLU A 63 14.68 -25.77 17.57
N GLY A 64 14.79 -25.99 18.87
CA GLY A 64 16.08 -26.00 19.59
C GLY A 64 16.36 -24.72 20.35
N ALA A 65 15.43 -23.76 20.40
CA ALA A 65 15.63 -22.48 21.12
C ALA A 65 15.44 -22.69 22.63
N THR A 66 16.14 -21.87 23.40
CA THR A 66 15.81 -21.56 24.80
C THR A 66 14.85 -20.38 24.75
N VAL A 67 13.73 -20.45 25.49
CA VAL A 67 12.61 -19.48 25.33
C VAL A 67 12.20 -18.93 26.69
N ALA A 68 12.19 -17.60 26.80
CA ALA A 68 11.62 -16.88 27.97
C ALA A 68 10.13 -16.69 27.73
N ILE A 69 9.30 -17.41 28.50
CA ILE A 69 7.83 -17.27 28.51
C ILE A 69 7.56 -16.04 29.34
N ALA A 70 7.61 -14.86 28.74
CA ALA A 70 7.44 -13.58 29.44
C ALA A 70 5.95 -13.28 29.47
N ASP A 71 5.42 -12.99 30.64
CA ASP A 71 3.98 -12.67 30.77
C ASP A 71 3.77 -11.88 32.08
N ILE A 72 2.71 -11.07 32.11
CA ILE A 72 2.24 -10.40 33.35
C ILE A 72 1.62 -11.47 34.25
N ASP A 73 1.05 -12.52 33.64
CA ASP A 73 0.56 -13.74 34.31
C ASP A 73 1.74 -14.68 34.60
N ILE A 74 2.54 -14.36 35.61
CA ILE A 74 3.77 -15.15 35.95
C ILE A 74 3.38 -16.56 36.40
N GLU A 75 2.21 -16.72 37.02
CA GLU A 75 1.68 -18.03 37.50
C GLU A 75 1.47 -18.96 36.30
N ARG A 76 0.67 -18.52 35.33
CA ARG A 76 0.40 -19.30 34.09
C ARG A 76 1.70 -19.47 33.28
N ALA A 77 2.62 -18.50 33.30
CA ALA A 77 3.87 -18.57 32.50
C ALA A 77 4.72 -19.72 33.07
N ARG A 78 4.87 -19.71 34.39
CA ARG A 78 5.52 -20.80 35.20
C ARG A 78 4.88 -22.13 34.86
N GLN A 79 3.55 -22.17 34.75
CA GLN A 79 2.81 -23.38 34.34
C GLN A 79 3.26 -23.77 32.93
N ALA A 80 3.20 -22.84 31.97
CA ALA A 80 3.46 -23.09 30.53
C ALA A 80 4.89 -23.55 30.34
N ALA A 81 5.86 -22.97 31.07
CA ALA A 81 7.30 -23.34 31.00
C ALA A 81 7.48 -24.79 31.46
N ALA A 82 6.91 -25.14 32.62
CA ALA A 82 6.97 -26.50 33.21
C ALA A 82 6.44 -27.51 32.19
N GLU A 83 5.36 -27.17 31.48
CA GLU A 83 4.68 -28.08 30.52
C GLU A 83 5.49 -28.19 29.21
N ILE A 84 6.11 -27.10 28.78
CA ILE A 84 6.79 -27.10 27.46
C ILE A 84 8.07 -27.92 27.60
N GLY A 85 8.81 -27.70 28.67
CA GLY A 85 10.04 -28.45 28.96
C GLY A 85 11.15 -27.58 29.52
N PRO A 86 12.30 -28.20 29.83
CA PRO A 86 13.45 -27.48 30.39
C PRO A 86 13.97 -26.29 29.58
N ALA A 87 13.77 -26.27 28.24
CA ALA A 87 14.22 -25.19 27.32
C ALA A 87 13.44 -23.89 27.57
N ALA A 88 12.20 -23.97 28.04
CA ALA A 88 11.34 -22.80 28.36
C ALA A 88 11.48 -22.46 29.84
N TYR A 89 11.49 -21.17 30.17
CA TYR A 89 11.54 -20.62 31.55
C TYR A 89 10.66 -19.36 31.59
N ALA A 90 9.98 -19.20 32.73
CA ALA A 90 8.99 -18.14 33.00
C ALA A 90 9.71 -16.86 33.36
N VAL A 91 9.19 -15.73 32.88
CA VAL A 91 9.71 -14.38 33.18
C VAL A 91 8.50 -13.48 33.38
N GLN A 92 8.42 -12.85 34.54
CA GLN A 92 7.38 -11.85 34.88
C GLN A 92 7.71 -10.58 34.10
N MET A 93 6.74 -10.06 33.35
CA MET A 93 6.96 -8.91 32.45
C MET A 93 5.66 -8.19 32.18
N ASP A 94 5.67 -6.89 32.46
CA ASP A 94 4.62 -5.92 32.09
C ASP A 94 5.30 -4.92 31.13
N VAL A 95 4.96 -4.98 29.84
CA VAL A 95 5.62 -4.21 28.75
C VAL A 95 5.21 -2.74 28.84
N THR A 96 4.28 -2.39 29.74
CA THR A 96 3.89 -0.97 29.99
C THR A 96 4.90 -0.34 30.95
N ARG A 97 5.81 -1.10 31.57
CA ARG A 97 6.75 -0.55 32.58
C ARG A 97 8.21 -0.74 32.12
N GLN A 98 8.98 0.36 32.07
CA GLN A 98 10.41 0.32 31.66
C GLN A 98 11.20 -0.64 32.57
N ASP A 99 11.06 -0.51 33.89
CA ASP A 99 11.82 -1.32 34.88
C ASP A 99 11.53 -2.82 34.64
N SER A 100 10.30 -3.16 34.30
CA SER A 100 9.86 -4.56 34.04
C SER A 100 10.48 -5.02 32.72
N ILE A 101 10.50 -4.17 31.71
CA ILE A 101 11.12 -4.50 30.38
C ILE A 101 12.61 -4.79 30.63
N ASP A 102 13.28 -3.90 31.35
CA ASP A 102 14.75 -3.98 31.57
C ASP A 102 15.10 -5.22 32.40
N ALA A 103 14.25 -5.62 33.36
CA ALA A 103 14.46 -6.78 34.25
C ALA A 103 14.16 -8.07 33.48
N ALA A 104 13.19 -8.07 32.56
CA ALA A 104 12.92 -9.21 31.66
C ALA A 104 14.14 -9.48 30.78
N ILE A 105 14.71 -8.45 30.17
CA ILE A 105 15.90 -8.61 29.28
C ILE A 105 17.07 -9.16 30.10
N ALA A 106 17.38 -8.51 31.24
CA ALA A 106 18.46 -8.91 32.18
C ALA A 106 18.26 -10.38 32.59
N ALA A 107 17.01 -10.81 32.79
CA ALA A 107 16.64 -12.18 33.22
C ALA A 107 17.04 -13.16 32.14
N THR A 108 16.81 -12.80 30.89
CA THR A 108 17.24 -13.56 29.69
C THR A 108 18.77 -13.66 29.65
N VAL A 109 19.47 -12.57 29.89
CA VAL A 109 20.96 -12.60 29.93
C VAL A 109 21.38 -13.57 31.06
N GLU A 110 20.66 -13.55 32.19
CA GLU A 110 21.02 -14.37 33.38
C GLU A 110 20.87 -15.86 33.04
N HIS A 111 19.72 -16.28 32.48
CA HIS A 111 19.31 -17.71 32.26
C HIS A 111 19.90 -18.23 30.96
N ALA A 112 19.86 -17.46 29.88
CA ALA A 112 20.16 -17.94 28.52
C ALA A 112 21.51 -17.45 28.00
N GLY A 113 22.19 -16.55 28.71
CA GLY A 113 23.50 -16.02 28.29
C GLY A 113 23.35 -14.77 27.43
N GLY A 114 22.13 -14.41 27.09
CA GLY A 114 21.85 -13.29 26.18
C GLY A 114 20.54 -13.50 25.45
N LEU A 115 20.29 -12.65 24.44
CA LEU A 115 19.02 -12.60 23.68
C LEU A 115 19.33 -12.57 22.19
N ASP A 116 18.72 -13.47 21.43
CA ASP A 116 18.92 -13.64 19.96
C ASP A 116 17.64 -13.29 19.21
N ILE A 117 16.48 -13.52 19.81
CA ILE A 117 15.14 -13.46 19.15
C ILE A 117 14.15 -12.81 20.12
N LEU A 118 13.57 -11.65 19.75
CA LEU A 118 12.40 -11.05 20.46
C LEU A 118 11.18 -11.19 19.56
N VAL A 119 10.08 -11.68 20.13
CA VAL A 119 8.71 -11.60 19.55
C VAL A 119 7.88 -10.70 20.47
N ASN A 120 7.50 -9.52 19.97
CA ASN A 120 6.55 -8.60 20.65
C ASN A 120 5.13 -9.08 20.40
N ASN A 121 4.59 -9.95 21.27
CA ASN A 121 3.28 -10.64 21.06
C ASN A 121 2.21 -10.01 21.97
N ALA A 122 2.60 -9.43 23.12
CA ALA A 122 1.62 -8.88 24.09
C ALA A 122 0.80 -7.79 23.41
N ALA A 123 -0.51 -7.87 23.51
CA ALA A 123 -1.43 -6.92 22.87
C ALA A 123 -2.75 -6.96 23.63
N LEU A 124 -3.52 -5.88 23.52
CA LEU A 124 -4.91 -5.75 23.99
C LEU A 124 -5.75 -5.32 22.80
N PHE A 125 -6.98 -5.82 22.77
CA PHE A 125 -8.03 -5.39 21.83
C PHE A 125 -9.01 -4.46 22.54
N ASP A 126 -9.63 -3.57 21.78
CA ASP A 126 -10.83 -2.81 22.23
C ASP A 126 -11.60 -2.40 20.98
N LEU A 127 -12.87 -2.05 21.16
CA LEU A 127 -13.75 -1.63 20.06
C LEU A 127 -14.67 -0.51 20.57
N ALA A 128 -14.78 0.61 19.83
CA ALA A 128 -15.80 1.65 20.11
C ALA A 128 -15.97 2.57 18.90
N PRO A 129 -17.20 3.01 18.58
CA PRO A 129 -17.40 4.02 17.55
C PRO A 129 -16.66 5.28 17.97
N ILE A 130 -16.37 6.19 17.02
CA ILE A 130 -15.50 7.38 17.23
C ILE A 130 -16.02 8.19 18.43
N VAL A 131 -17.35 8.38 18.52
CA VAL A 131 -17.96 9.32 19.52
C VAL A 131 -17.99 8.68 20.92
N GLU A 132 -17.67 7.38 21.04
CA GLU A 132 -17.60 6.66 22.34
C GLU A 132 -16.17 6.28 22.72
N ILE A 133 -15.17 6.66 21.93
CA ILE A 133 -13.75 6.36 22.26
C ILE A 133 -13.38 7.14 23.51
N THR A 134 -12.80 6.45 24.50
CA THR A 134 -12.41 7.04 25.81
C THR A 134 -10.90 7.26 25.81
N ARG A 135 -10.42 8.27 26.54
CA ARG A 135 -8.97 8.46 26.74
C ARG A 135 -8.37 7.19 27.40
N GLU A 136 -9.14 6.51 28.26
CA GLU A 136 -8.67 5.31 28.97
C GLU A 136 -8.41 4.22 27.92
N SER A 137 -9.29 4.06 26.93
CA SER A 137 -9.12 3.05 25.84
C SER A 137 -7.83 3.39 25.09
N TYR A 138 -7.73 4.62 24.59
CA TYR A 138 -6.55 5.13 23.86
C TYR A 138 -5.28 4.88 24.68
N GLU A 139 -5.22 5.39 25.93
CA GLU A 139 -4.00 5.23 26.76
C GLU A 139 -3.67 3.75 26.91
N LYS A 140 -4.65 2.90 27.20
CA LYS A 140 -4.37 1.50 27.61
C LYS A 140 -3.81 0.76 26.39
N LEU A 141 -4.47 0.89 25.23
CA LEU A 141 -4.05 0.10 24.05
C LEU A 141 -2.73 0.66 23.50
N PHE A 142 -2.52 1.97 23.48
CA PHE A 142 -1.23 2.52 23.00
C PHE A 142 -0.11 2.12 23.95
N ALA A 143 -0.37 2.00 25.25
CA ALA A 143 0.66 1.68 26.27
C ALA A 143 1.17 0.26 26.01
N ILE A 144 0.28 -0.71 25.78
CA ILE A 144 0.64 -2.15 25.62
C ILE A 144 1.06 -2.39 24.16
N ASN A 145 0.24 -1.97 23.19
CA ASN A 145 0.41 -2.39 21.77
C ASN A 145 1.56 -1.63 21.12
N VAL A 146 1.74 -0.35 21.44
CA VAL A 146 2.77 0.51 20.79
C VAL A 146 3.96 0.68 21.72
N ALA A 147 3.79 1.42 22.81
CA ALA A 147 4.90 1.69 23.74
C ALA A 147 5.50 0.35 24.17
N GLY A 148 4.68 -0.63 24.52
CA GLY A 148 5.16 -1.95 24.99
C GLY A 148 6.10 -2.58 23.99
N THR A 149 5.67 -2.61 22.71
CA THR A 149 6.42 -3.14 21.54
C THR A 149 7.68 -2.29 21.32
N LEU A 150 7.51 -0.97 21.24
CA LEU A 150 8.62 -0.05 20.92
C LEU A 150 9.74 -0.22 21.96
N PHE A 151 9.42 -0.13 23.25
CA PHE A 151 10.43 -0.07 24.34
C PHE A 151 10.96 -1.48 24.64
N THR A 152 10.20 -2.53 24.35
CA THR A 152 10.74 -3.91 24.47
C THR A 152 11.74 -4.10 23.34
N LEU A 153 11.36 -3.69 22.13
CA LEU A 153 12.23 -3.79 20.92
C LEU A 153 13.51 -3.01 21.22
N GLN A 154 13.41 -1.78 21.72
CA GLN A 154 14.59 -0.93 22.04
C GLN A 154 15.52 -1.64 23.05
N ALA A 155 14.97 -2.33 24.05
CA ALA A 155 15.79 -2.92 25.13
C ALA A 155 16.46 -4.19 24.58
N ALA A 156 15.76 -4.96 23.77
CA ALA A 156 16.31 -6.12 23.04
C ALA A 156 17.44 -5.73 22.08
N ALA A 157 17.24 -4.64 21.30
CA ALA A 157 18.24 -4.08 20.36
C ALA A 157 19.52 -3.69 21.11
N ARG A 158 19.40 -2.89 22.17
CA ARG A 158 20.54 -2.54 23.06
C ARG A 158 21.30 -3.81 23.46
N GLN A 159 20.65 -4.83 24.00
CA GLN A 159 21.32 -6.11 24.37
C GLN A 159 21.96 -6.76 23.13
N MET A 160 21.28 -6.77 21.99
CA MET A 160 21.79 -7.44 20.78
C MET A 160 23.01 -6.68 20.22
N ILE A 161 22.96 -5.35 20.23
CA ILE A 161 24.10 -4.49 19.81
C ILE A 161 25.28 -4.78 20.74
N ALA A 162 25.06 -4.92 22.04
CA ALA A 162 26.13 -5.13 23.04
C ALA A 162 26.76 -6.51 22.82
N GLN A 163 25.98 -7.51 22.42
CA GLN A 163 26.51 -8.87 22.15
C GLN A 163 27.31 -8.94 20.84
N GLY A 164 27.02 -8.06 19.86
CA GLY A 164 27.71 -8.05 18.56
C GLY A 164 27.47 -9.31 17.71
N ARG A 165 26.37 -10.04 17.93
CA ARG A 165 26.08 -11.31 17.18
C ARG A 165 24.82 -11.16 16.32
N GLY A 166 24.32 -9.94 16.12
CA GLY A 166 23.10 -9.76 15.33
C GLY A 166 21.89 -10.24 16.11
N GLY A 167 20.77 -10.49 15.44
CA GLY A 167 19.50 -10.71 16.14
C GLY A 167 18.31 -10.74 15.20
N LYS A 168 17.19 -11.19 15.76
CA LYS A 168 15.87 -11.28 15.11
C LYS A 168 14.82 -10.65 16.04
N ILE A 169 14.13 -9.64 15.54
CA ILE A 169 12.95 -9.07 16.22
C ILE A 169 11.71 -9.25 15.32
N ILE A 170 10.64 -9.85 15.87
CA ILE A 170 9.33 -10.09 15.19
C ILE A 170 8.24 -9.36 16.00
N ASN A 171 7.68 -8.32 15.40
CA ASN A 171 6.54 -7.57 15.97
C ASN A 171 5.26 -8.27 15.52
N MET A 172 4.21 -8.25 16.34
CA MET A 172 2.91 -8.85 15.95
C MET A 172 2.01 -7.69 15.54
N ALA A 173 1.76 -7.57 14.22
CA ALA A 173 0.86 -6.54 13.66
C ALA A 173 -0.52 -7.17 13.57
N SER A 174 -1.28 -6.91 12.53
CA SER A 174 -2.69 -7.40 12.40
C SER A 174 -3.22 -6.91 11.06
N GLN A 175 -4.21 -7.60 10.52
CA GLN A 175 -5.00 -7.02 9.41
C GLN A 175 -5.45 -5.62 9.85
N ALA A 176 -5.68 -5.37 11.14
CA ALA A 176 -6.22 -4.09 11.64
C ALA A 176 -5.25 -2.94 11.35
N GLY A 177 -3.96 -3.24 11.31
CA GLY A 177 -2.93 -2.22 11.05
C GLY A 177 -2.76 -1.94 9.58
N ARG A 178 -3.41 -2.74 8.71
CA ARG A 178 -3.38 -2.59 7.23
C ARG A 178 -4.45 -1.61 6.77
N ARG A 179 -5.56 -1.50 7.50
CA ARG A 179 -6.69 -0.65 7.05
C ARG A 179 -7.58 -0.39 8.26
N GLY A 180 -8.20 0.80 8.32
CA GLY A 180 -9.12 1.19 9.39
C GLY A 180 -10.43 0.42 9.33
N GLU A 181 -11.15 0.45 10.45
CA GLU A 181 -12.53 -0.08 10.62
C GLU A 181 -13.33 0.94 11.44
N ALA A 182 -14.59 1.22 11.07
CA ALA A 182 -15.46 2.23 11.69
C ALA A 182 -15.38 2.09 13.21
N LEU A 183 -15.45 0.86 13.72
CA LEU A 183 -15.65 0.60 15.18
C LEU A 183 -14.31 0.30 15.85
N VAL A 184 -13.19 0.26 15.11
CA VAL A 184 -11.90 -0.24 15.68
C VAL A 184 -10.77 0.78 15.48
N ALA A 185 -11.04 2.08 15.61
CA ALA A 185 -10.08 3.17 15.32
C ALA A 185 -8.83 3.01 16.19
N ILE A 186 -9.02 2.68 17.46
CA ILE A 186 -7.91 2.65 18.46
C ILE A 186 -7.02 1.45 18.17
N TYR A 187 -7.58 0.25 18.02
CA TYR A 187 -6.70 -0.94 17.86
C TYR A 187 -6.03 -0.92 16.47
N CYS A 188 -6.81 -0.59 15.45
CA CYS A 188 -6.30 -0.36 14.06
C CYS A 188 -5.12 0.61 14.12
N ALA A 189 -5.28 1.76 14.75
CA ALA A 189 -4.22 2.79 14.82
C ALA A 189 -2.98 2.17 15.50
N THR A 190 -3.16 1.46 16.62
CA THR A 190 -2.01 0.85 17.35
C THR A 190 -1.26 -0.06 16.40
N LYS A 191 -1.97 -0.92 15.68
CA LYS A 191 -1.36 -1.94 14.78
C LYS A 191 -0.70 -1.29 13.56
N ALA A 192 -1.23 -0.17 13.07
CA ALA A 192 -0.63 0.68 12.01
C ALA A 192 0.68 1.30 12.54
N ALA A 193 0.67 1.82 13.78
CA ALA A 193 1.91 2.32 14.43
C ALA A 193 2.96 1.18 14.47
N VAL A 194 2.56 -0.04 14.86
CA VAL A 194 3.47 -1.24 14.88
C VAL A 194 4.11 -1.47 13.49
N ILE A 195 3.32 -1.46 12.42
CA ILE A 195 3.85 -1.71 11.04
C ILE A 195 4.93 -0.65 10.76
N SER A 196 4.64 0.64 11.02
CA SER A 196 5.54 1.80 10.88
C SER A 196 6.80 1.60 11.73
N LEU A 197 6.63 1.30 13.02
CA LEU A 197 7.79 1.04 13.93
C LEU A 197 8.63 -0.10 13.36
N THR A 198 7.98 -1.13 12.83
CA THR A 198 8.69 -2.32 12.27
C THR A 198 9.58 -1.83 11.12
N GLN A 199 9.05 -0.91 10.33
CA GLN A 199 9.75 -0.40 9.14
C GLN A 199 10.95 0.43 9.60
N SER A 200 10.69 1.42 10.47
CA SER A 200 11.67 2.38 11.05
C SER A 200 12.80 1.61 11.74
N ALA A 201 12.47 0.70 12.67
CA ALA A 201 13.46 -0.04 13.50
C ALA A 201 14.25 -0.98 12.60
N GLY A 202 13.58 -1.58 11.64
CA GLY A 202 14.24 -2.46 10.66
C GLY A 202 15.34 -1.76 9.89
N LEU A 203 15.10 -0.54 9.41
CA LEU A 203 16.09 0.28 8.68
C LEU A 203 17.19 0.71 9.64
N ASP A 204 16.86 1.02 10.90
CA ASP A 204 17.86 1.57 11.86
C ASP A 204 18.75 0.42 12.37
N LEU A 205 18.23 -0.79 12.52
CA LEU A 205 18.95 -1.86 13.27
C LEU A 205 19.65 -2.85 12.36
N ILE A 206 19.36 -2.85 11.05
CA ILE A 206 19.98 -3.84 10.11
C ILE A 206 21.50 -3.64 10.01
N LYS A 207 22.04 -2.45 10.27
CA LYS A 207 23.51 -2.26 10.28
C LYS A 207 24.13 -3.08 11.41
N HIS A 208 23.35 -3.52 12.39
CA HIS A 208 23.83 -4.33 13.54
C HIS A 208 23.54 -5.81 13.31
N ARG A 209 23.09 -6.21 12.11
CA ARG A 209 22.68 -7.59 11.74
C ARG A 209 21.45 -8.04 12.57
N ILE A 210 20.63 -7.09 12.99
CA ILE A 210 19.29 -7.33 13.58
C ILE A 210 18.21 -7.14 12.50
N ASN A 211 17.49 -8.20 12.20
CA ASN A 211 16.32 -8.19 11.31
C ASN A 211 15.09 -7.83 12.14
N VAL A 212 14.42 -6.73 11.78
CA VAL A 212 13.11 -6.38 12.37
C VAL A 212 12.06 -6.58 11.25
N ASN A 213 11.05 -7.39 11.55
CA ASN A 213 9.93 -7.74 10.66
C ASN A 213 8.67 -7.92 11.51
N ALA A 214 7.51 -8.08 10.89
CA ALA A 214 6.26 -8.27 11.64
C ALA A 214 5.41 -9.33 10.96
N ILE A 215 4.59 -9.99 11.78
CA ILE A 215 3.52 -10.91 11.31
C ILE A 215 2.20 -10.17 11.52
N ALA A 216 1.35 -10.21 10.49
CA ALA A 216 -0.02 -9.67 10.52
C ALA A 216 -0.99 -10.84 10.42
N PRO A 217 -1.45 -11.41 11.57
CA PRO A 217 -2.53 -12.39 11.57
C PRO A 217 -3.83 -11.79 11.00
N GLY A 218 -4.74 -12.65 10.56
CA GLY A 218 -6.10 -12.26 10.18
C GLY A 218 -7.03 -12.30 11.37
N VAL A 219 -7.97 -13.23 11.35
CA VAL A 219 -8.84 -13.58 12.50
C VAL A 219 -8.40 -14.97 13.04
N VAL A 220 -8.05 -15.04 14.31
CA VAL A 220 -7.54 -16.30 14.93
C VAL A 220 -8.58 -16.75 15.96
N ASP A 221 -8.90 -18.04 15.96
CA ASP A 221 -9.91 -18.60 16.89
C ASP A 221 -9.31 -18.62 18.31
N GLY A 222 -10.18 -18.62 19.32
CA GLY A 222 -9.80 -18.68 20.76
C GLY A 222 -10.71 -17.90 21.70
N GLU A 223 -10.44 -18.03 23.00
CA GLU A 223 -11.26 -17.52 24.13
C GLU A 223 -11.58 -16.01 23.95
N HIS A 224 -10.68 -15.24 23.32
CA HIS A 224 -10.86 -13.77 23.09
C HIS A 224 -12.14 -13.47 22.31
N TRP A 225 -12.59 -14.37 21.44
CA TRP A 225 -13.70 -14.05 20.49
C TRP A 225 -15.03 -13.82 21.24
N ASP A 226 -15.18 -14.37 22.46
CA ASP A 226 -16.36 -14.08 23.32
C ASP A 226 -16.47 -12.56 23.50
N GLY A 227 -15.39 -11.94 23.96
CA GLY A 227 -15.25 -10.48 24.06
C GLY A 227 -15.44 -9.78 22.73
N VAL A 228 -14.70 -10.20 21.70
CA VAL A 228 -14.69 -9.49 20.38
C VAL A 228 -16.11 -9.54 19.81
N ASP A 229 -16.73 -10.72 19.82
CA ASP A 229 -18.07 -10.94 19.23
C ASP A 229 -19.11 -10.10 19.99
N ALA A 230 -19.05 -10.14 21.32
CA ALA A 230 -19.85 -9.28 22.23
C ALA A 230 -19.80 -7.82 21.77
N LEU A 231 -18.59 -7.31 21.55
CA LEU A 231 -18.37 -5.86 21.29
C LEU A 231 -19.02 -5.48 19.95
N PHE A 232 -18.81 -6.28 18.91
CA PHE A 232 -19.47 -6.11 17.58
C PHE A 232 -20.98 -6.32 17.74
N ALA A 233 -21.38 -7.37 18.47
CA ALA A 233 -22.82 -7.70 18.73
C ALA A 233 -23.53 -6.41 19.15
N ARG A 234 -23.06 -5.78 20.23
CA ARG A 234 -23.63 -4.53 20.77
C ARG A 234 -23.76 -3.47 19.65
N TYR A 235 -22.65 -3.08 19.02
CA TYR A 235 -22.62 -1.88 18.12
C TYR A 235 -23.26 -2.17 16.76
N GLU A 236 -23.20 -3.42 16.28
CA GLU A 236 -23.74 -3.82 14.94
C GLU A 236 -25.12 -4.47 15.10
N ASN A 237 -25.55 -4.72 16.34
CA ASN A 237 -26.91 -5.20 16.73
C ASN A 237 -27.10 -6.62 16.19
N ARG A 238 -26.39 -7.59 16.75
CA ARG A 238 -26.33 -8.97 16.23
C ARG A 238 -26.57 -9.98 17.34
N PRO A 239 -27.12 -11.18 17.03
CA PRO A 239 -27.12 -12.29 17.97
C PRO A 239 -25.68 -12.62 18.35
N ARG A 240 -25.45 -13.00 19.62
CA ARG A 240 -24.15 -13.52 20.13
C ARG A 240 -23.66 -14.65 19.21
N GLY A 241 -22.38 -14.61 18.78
CA GLY A 241 -21.75 -15.64 17.93
C GLY A 241 -21.90 -15.38 16.43
N GLU A 242 -22.84 -14.54 15.98
CA GLU A 242 -23.06 -14.23 14.54
C GLU A 242 -21.78 -13.65 13.94
N LYS A 243 -21.27 -12.54 14.50
CA LYS A 243 -20.02 -11.88 14.05
C LYS A 243 -18.90 -12.92 13.86
N LYS A 244 -18.58 -13.67 14.90
CA LYS A 244 -17.53 -14.72 14.87
C LYS A 244 -17.81 -15.76 13.78
N ARG A 245 -19.07 -16.11 13.55
CA ARG A 245 -19.47 -17.06 12.46
C ARG A 245 -19.15 -16.43 11.10
N LEU A 246 -19.68 -15.23 10.81
CA LEU A 246 -19.55 -14.55 9.50
C LEU A 246 -18.06 -14.29 9.18
N VAL A 247 -17.32 -13.77 10.14
CA VAL A 247 -15.88 -13.43 10.00
C VAL A 247 -15.14 -14.69 9.57
N GLY A 248 -15.38 -15.82 10.25
CA GLY A 248 -14.72 -17.11 9.96
C GLY A 248 -15.05 -17.60 8.56
N GLU A 249 -16.30 -17.43 8.14
CA GLU A 249 -16.80 -17.90 6.82
C GLU A 249 -16.28 -16.99 5.70
N ALA A 250 -15.86 -15.76 6.01
CA ALA A 250 -15.48 -14.80 4.96
C ALA A 250 -13.97 -14.89 4.70
N VAL A 251 -13.21 -15.61 5.53
CA VAL A 251 -11.75 -15.83 5.30
C VAL A 251 -11.65 -16.61 3.99
N PRO A 252 -11.00 -16.08 2.93
CA PRO A 252 -10.93 -16.78 1.65
C PRO A 252 -10.48 -18.24 1.78
N PHE A 253 -9.50 -18.52 2.62
CA PHE A 253 -8.99 -19.89 2.89
C PHE A 253 -10.12 -20.83 3.29
N GLY A 254 -11.14 -20.32 4.01
CA GLY A 254 -12.37 -21.08 4.30
C GLY A 254 -12.59 -21.30 5.78
N ARG A 255 -11.70 -20.84 6.66
CA ARG A 255 -11.91 -20.95 8.13
C ARG A 255 -11.16 -19.85 8.87
N MET A 256 -11.57 -19.63 10.12
CA MET A 256 -10.84 -18.86 11.16
C MET A 256 -9.45 -19.47 11.39
N GLY A 257 -8.49 -18.61 11.73
CA GLY A 257 -7.08 -18.96 11.97
C GLY A 257 -6.89 -19.72 13.27
N THR A 258 -5.81 -20.51 13.35
CA THR A 258 -5.27 -21.09 14.60
C THR A 258 -3.88 -20.50 14.81
N ALA A 259 -3.36 -20.59 16.02
CA ALA A 259 -1.96 -20.20 16.30
C ALA A 259 -1.02 -21.04 15.41
N GLU A 260 -1.33 -22.33 15.15
CA GLU A 260 -0.44 -23.24 14.39
C GLU A 260 -0.22 -22.74 12.96
N ASP A 261 -1.17 -21.96 12.40
CA ASP A 261 -1.06 -21.32 11.07
C ASP A 261 0.16 -20.39 11.05
N LEU A 262 0.49 -19.81 12.20
CA LEU A 262 1.43 -18.68 12.33
C LEU A 262 2.82 -19.15 12.76
N THR A 263 2.97 -20.38 13.28
CA THR A 263 4.25 -20.83 13.91
C THR A 263 5.32 -21.00 12.83
N GLY A 264 4.93 -21.42 11.62
CA GLY A 264 5.83 -21.53 10.47
C GLY A 264 6.56 -20.23 10.23
N MET A 265 5.80 -19.14 10.07
CA MET A 265 6.32 -17.79 9.78
C MET A 265 7.21 -17.34 10.95
N ALA A 266 6.75 -17.52 12.18
CA ALA A 266 7.47 -17.16 13.42
C ALA A 266 8.86 -17.81 13.44
N ILE A 267 8.97 -19.08 13.07
CA ILE A 267 10.29 -19.76 13.03
C ILE A 267 11.10 -19.15 11.87
N PHE A 268 10.47 -19.07 10.69
CA PHE A 268 11.15 -18.61 9.46
C PHE A 268 11.83 -17.26 9.71
N LEU A 269 11.08 -16.29 10.28
CA LEU A 269 11.57 -14.88 10.45
C LEU A 269 12.60 -14.79 11.58
N ALA A 270 12.73 -15.84 12.40
CA ALA A 270 13.76 -15.96 13.46
C ALA A 270 14.95 -16.80 12.96
N SER A 271 14.86 -17.38 11.74
CA SER A 271 15.85 -18.37 11.23
C SER A 271 16.81 -17.67 10.25
N ALA A 272 17.87 -18.36 9.85
CA ALA A 272 18.90 -17.83 8.91
C ALA A 272 18.30 -17.66 7.49
N GLU A 273 17.21 -18.37 7.17
CA GLU A 273 16.60 -18.34 5.81
C GLU A 273 15.84 -17.02 5.62
N SER A 274 15.85 -16.16 6.62
CA SER A 274 15.17 -14.83 6.55
C SER A 274 16.19 -13.70 6.74
N ASP A 275 17.50 -13.96 6.61
CA ASP A 275 18.56 -12.97 6.93
C ASP A 275 18.42 -11.74 6.02
N TYR A 276 18.00 -11.88 4.76
CA TYR A 276 17.90 -10.73 3.84
C TYR A 276 16.55 -10.01 3.98
N ILE A 277 15.69 -10.44 4.90
CA ILE A 277 14.32 -9.89 4.98
C ILE A 277 14.34 -8.77 6.03
N VAL A 278 13.98 -7.56 5.62
CA VAL A 278 14.17 -6.36 6.48
C VAL A 278 12.95 -5.45 6.35
N SER A 279 12.41 -5.06 7.49
CA SER A 279 11.39 -3.99 7.61
C SER A 279 10.10 -4.43 6.93
N GLN A 280 9.84 -5.75 6.90
CA GLN A 280 8.60 -6.30 6.26
C GLN A 280 7.50 -6.60 7.30
N THR A 281 6.24 -6.43 6.89
CA THR A 281 5.03 -7.02 7.52
C THR A 281 4.45 -8.04 6.53
N TYR A 282 4.40 -9.30 6.97
CA TYR A 282 3.90 -10.46 6.20
C TYR A 282 2.54 -10.85 6.81
N ASN A 283 1.47 -10.71 6.02
CA ASN A 283 0.10 -11.17 6.35
C ASN A 283 0.07 -12.69 6.29
N VAL A 284 -0.31 -13.33 7.42
CA VAL A 284 -0.56 -14.79 7.46
C VAL A 284 -2.01 -14.93 7.95
N ASP A 285 -2.96 -14.95 7.02
CA ASP A 285 -4.35 -14.58 7.35
C ASP A 285 -5.39 -15.21 6.40
N GLY A 286 -5.10 -16.35 5.77
CA GLY A 286 -6.01 -17.00 4.82
C GLY A 286 -6.49 -16.10 3.69
N GLY A 287 -5.80 -15.02 3.35
CA GLY A 287 -6.25 -14.12 2.25
C GLY A 287 -7.11 -12.97 2.73
N ASN A 288 -7.28 -12.83 4.05
CA ASN A 288 -8.12 -11.75 4.63
C ASN A 288 -7.63 -10.38 4.15
N TRP A 289 -6.31 -10.20 4.07
CA TRP A 289 -5.77 -8.93 3.55
C TRP A 289 -4.53 -9.22 2.69
N MET A 290 -4.45 -8.55 1.57
CA MET A 290 -3.45 -8.81 0.52
C MET A 290 -2.45 -7.67 0.49
N SER A 291 -1.22 -7.94 0.90
CA SER A 291 -0.14 -6.93 0.92
C SER A 291 1.04 -7.46 0.13
N LYS B 36 13.31 -33.54 3.00
CA LYS B 36 12.92 -32.65 4.12
C LYS B 36 11.56 -32.01 3.77
N ARG B 37 11.51 -30.71 3.45
CA ARG B 37 10.26 -29.92 3.52
C ARG B 37 9.43 -30.09 2.26
N LEU B 38 10.02 -30.44 1.12
CA LEU B 38 9.25 -30.73 -0.12
C LEU B 38 9.38 -32.21 -0.51
N GLU B 39 9.51 -33.11 0.48
CA GLU B 39 9.66 -34.58 0.26
C GLU B 39 8.49 -35.07 -0.58
N GLY B 40 8.78 -35.73 -1.70
CA GLY B 40 7.77 -36.37 -2.57
C GLY B 40 7.00 -35.39 -3.45
N LYS B 41 7.35 -34.11 -3.45
CA LYS B 41 6.60 -33.10 -4.23
C LYS B 41 7.21 -33.00 -5.62
N SER B 42 6.37 -32.69 -6.61
CA SER B 42 6.70 -32.46 -8.04
C SER B 42 6.56 -30.96 -8.34
N ALA B 43 7.63 -30.29 -8.75
CA ALA B 43 7.67 -28.84 -8.97
C ALA B 43 8.10 -28.60 -10.42
N LEU B 44 7.64 -27.49 -11.02
CA LEU B 44 8.20 -26.93 -12.26
C LEU B 44 8.52 -25.45 -11.99
N ILE B 45 9.74 -25.03 -12.32
CA ILE B 45 10.24 -23.62 -12.21
C ILE B 45 10.52 -23.15 -13.63
N THR B 46 9.80 -22.13 -14.11
CA THR B 46 9.99 -21.56 -15.46
C THR B 46 11.29 -20.76 -15.47
N GLY B 47 11.94 -20.69 -16.61
CA GLY B 47 13.22 -19.99 -16.79
C GLY B 47 14.28 -20.43 -15.80
N SER B 48 14.46 -21.74 -15.55
CA SER B 48 15.23 -22.18 -14.36
C SER B 48 16.62 -22.73 -14.74
N ALA B 49 17.07 -22.56 -15.99
CA ALA B 49 18.39 -23.04 -16.47
C ALA B 49 19.50 -22.26 -15.77
N ARG B 50 19.20 -21.03 -15.37
CA ARG B 50 20.18 -20.05 -14.83
C ARG B 50 19.61 -19.29 -13.62
N GLY B 51 20.52 -18.61 -12.91
CA GLY B 51 20.20 -17.54 -11.95
C GLY B 51 19.28 -18.01 -10.85
N ILE B 52 18.28 -17.19 -10.56
CA ILE B 52 17.42 -17.40 -9.36
C ILE B 52 16.68 -18.74 -9.50
N GLY B 53 16.13 -19.03 -10.68
CA GLY B 53 15.30 -20.21 -10.92
C GLY B 53 16.11 -21.49 -10.69
N ARG B 54 17.37 -21.47 -11.11
CA ARG B 54 18.28 -22.64 -10.95
C ARG B 54 18.57 -22.82 -9.46
N ALA B 55 18.86 -21.71 -8.77
CA ALA B 55 19.07 -21.67 -7.32
C ALA B 55 17.85 -22.31 -6.62
N PHE B 56 16.63 -21.86 -6.92
CA PHE B 56 15.37 -22.46 -6.42
C PHE B 56 15.32 -23.97 -6.75
N ALA B 57 15.66 -24.39 -7.98
CA ALA B 57 15.58 -25.82 -8.36
C ALA B 57 16.56 -26.63 -7.49
N GLU B 58 17.77 -26.14 -7.25
CA GLU B 58 18.79 -26.83 -6.42
C GLU B 58 18.31 -26.95 -4.96
N ALA B 59 17.77 -25.85 -4.42
CA ALA B 59 17.18 -25.80 -3.05
C ALA B 59 16.01 -26.80 -2.96
N TYR B 60 15.09 -26.79 -3.92
CA TYR B 60 13.89 -27.67 -3.92
C TYR B 60 14.38 -29.13 -3.94
N VAL B 61 15.36 -29.43 -4.78
CA VAL B 61 15.95 -30.80 -4.90
C VAL B 61 16.49 -31.22 -3.53
N ARG B 62 17.34 -30.40 -2.90
CA ARG B 62 17.89 -30.62 -1.53
C ARG B 62 16.77 -30.80 -0.49
N GLU B 63 15.56 -30.27 -0.69
CA GLU B 63 14.42 -30.41 0.26
C GLU B 63 13.54 -31.57 -0.18
N GLY B 64 13.94 -32.35 -1.17
CA GLY B 64 13.32 -33.67 -1.45
C GLY B 64 12.38 -33.63 -2.63
N ALA B 65 12.22 -32.47 -3.27
CA ALA B 65 11.34 -32.30 -4.46
C ALA B 65 11.96 -32.95 -5.71
N THR B 66 11.11 -33.35 -6.63
CA THR B 66 11.44 -33.58 -8.06
C THR B 66 11.14 -32.28 -8.80
N VAL B 67 12.09 -31.78 -9.60
CA VAL B 67 12.01 -30.42 -10.19
C VAL B 67 12.21 -30.49 -11.70
N ALA B 68 11.19 -30.05 -12.45
CA ALA B 68 11.25 -29.73 -13.90
C ALA B 68 11.95 -28.38 -14.05
N ILE B 69 13.17 -28.42 -14.57
CA ILE B 69 13.98 -27.23 -14.90
C ILE B 69 13.55 -26.83 -16.29
N ALA B 70 12.55 -25.95 -16.34
CA ALA B 70 11.88 -25.54 -17.58
C ALA B 70 12.56 -24.27 -18.05
N ASP B 71 12.95 -24.25 -19.31
CA ASP B 71 13.63 -23.09 -19.93
C ASP B 71 13.45 -23.17 -21.46
N ILE B 72 13.43 -22.03 -22.13
CA ILE B 72 13.54 -21.93 -23.61
C ILE B 72 14.91 -22.47 -24.01
N ASP B 73 15.93 -22.22 -23.17
CA ASP B 73 17.33 -22.70 -23.33
C ASP B 73 17.37 -24.17 -22.88
N ILE B 74 16.86 -25.08 -23.71
CA ILE B 74 16.77 -26.52 -23.33
C ILE B 74 18.19 -27.06 -23.13
N GLU B 75 19.16 -26.62 -23.94
CA GLU B 75 20.57 -27.05 -23.82
C GLU B 75 21.08 -26.79 -22.40
N ARG B 76 20.95 -25.57 -21.88
CA ARG B 76 21.45 -25.23 -20.51
C ARG B 76 20.58 -25.92 -19.44
N ALA B 77 19.26 -26.04 -19.66
CA ALA B 77 18.35 -26.79 -18.74
C ALA B 77 18.91 -28.21 -18.56
N ARG B 78 19.22 -28.86 -19.68
CA ARG B 78 19.84 -30.22 -19.71
C ARG B 78 21.14 -30.22 -18.90
N GLN B 79 22.00 -29.21 -19.08
CA GLN B 79 23.27 -29.10 -18.30
C GLN B 79 22.94 -28.93 -16.81
N ALA B 80 22.02 -28.03 -16.45
CA ALA B 80 21.63 -27.71 -15.05
C ALA B 80 21.08 -28.96 -14.35
N ALA B 81 20.20 -29.72 -15.01
CA ALA B 81 19.53 -30.92 -14.44
C ALA B 81 20.58 -31.99 -14.15
N ALA B 82 21.56 -32.17 -15.04
CA ALA B 82 22.65 -33.17 -14.93
C ALA B 82 23.52 -32.84 -13.71
N GLU B 83 23.82 -31.56 -13.50
CA GLU B 83 24.66 -31.11 -12.35
C GLU B 83 23.87 -31.27 -11.05
N ILE B 84 22.57 -30.95 -11.06
CA ILE B 84 21.76 -30.88 -9.80
C ILE B 84 21.54 -32.30 -9.28
N GLY B 85 21.18 -33.23 -10.15
CA GLY B 85 21.05 -34.66 -9.80
C GLY B 85 19.84 -35.33 -10.44
N PRO B 86 19.67 -36.64 -10.14
CA PRO B 86 18.57 -37.43 -10.68
C PRO B 86 17.16 -36.84 -10.53
N ALA B 87 16.90 -36.12 -9.42
CA ALA B 87 15.61 -35.47 -9.07
C ALA B 87 15.29 -34.27 -9.98
N ALA B 88 16.28 -33.68 -10.66
CA ALA B 88 16.09 -32.55 -11.60
C ALA B 88 16.09 -33.09 -13.03
N TYR B 89 15.16 -32.62 -13.86
CA TYR B 89 15.02 -33.02 -15.28
C TYR B 89 14.60 -31.80 -16.11
N ALA B 90 15.19 -31.73 -17.30
CA ALA B 90 15.10 -30.60 -18.24
C ALA B 90 13.77 -30.68 -18.99
N VAL B 91 13.11 -29.54 -19.11
CA VAL B 91 11.87 -29.41 -19.91
C VAL B 91 12.01 -28.16 -20.77
N GLN B 92 11.73 -28.31 -22.07
CA GLN B 92 11.78 -27.21 -23.04
C GLN B 92 10.46 -26.47 -22.89
N MET B 93 10.50 -25.14 -22.76
CA MET B 93 9.31 -24.34 -22.41
C MET B 93 9.53 -22.91 -22.87
N ASP B 94 8.58 -22.44 -23.66
CA ASP B 94 8.46 -21.00 -24.02
C ASP B 94 7.11 -20.54 -23.47
N VAL B 95 7.16 -19.82 -22.35
CA VAL B 95 5.95 -19.41 -21.59
C VAL B 95 5.13 -18.43 -22.43
N THR B 96 5.65 -17.96 -23.58
CA THR B 96 4.87 -17.06 -24.49
C THR B 96 3.95 -17.88 -25.40
N ARG B 97 4.06 -19.21 -25.40
CA ARG B 97 3.26 -20.07 -26.32
C ARG B 97 2.40 -21.06 -25.53
N GLN B 98 1.07 -21.02 -25.74
CA GLN B 98 0.13 -21.97 -25.09
C GLN B 98 0.59 -23.42 -25.29
N ASP B 99 0.92 -23.82 -26.53
CA ASP B 99 1.21 -25.25 -26.85
C ASP B 99 2.46 -25.69 -26.05
N SER B 100 3.43 -24.81 -25.91
CA SER B 100 4.67 -25.05 -25.11
C SER B 100 4.29 -25.20 -23.62
N ILE B 101 3.52 -24.24 -23.08
CA ILE B 101 3.01 -24.30 -21.68
C ILE B 101 2.35 -25.67 -21.44
N ASP B 102 1.40 -26.03 -22.31
CA ASP B 102 0.56 -27.24 -22.10
C ASP B 102 1.46 -28.51 -22.18
N ALA B 103 2.43 -28.53 -23.09
CA ALA B 103 3.40 -29.64 -23.25
C ALA B 103 4.33 -29.70 -22.03
N ALA B 104 4.70 -28.56 -21.45
CA ALA B 104 5.57 -28.53 -20.25
C ALA B 104 4.82 -29.15 -19.06
N ILE B 105 3.57 -28.78 -18.83
CA ILE B 105 2.72 -29.32 -17.73
C ILE B 105 2.53 -30.83 -17.94
N ALA B 106 2.17 -31.25 -19.16
CA ALA B 106 1.98 -32.66 -19.55
C ALA B 106 3.28 -33.44 -19.31
N ALA B 107 4.43 -32.85 -19.66
CA ALA B 107 5.76 -33.47 -19.49
C ALA B 107 6.01 -33.70 -18.00
N THR B 108 5.52 -32.82 -17.14
CA THR B 108 5.62 -32.96 -15.68
C THR B 108 4.79 -34.15 -15.21
N VAL B 109 3.57 -34.28 -15.73
CA VAL B 109 2.65 -35.40 -15.36
C VAL B 109 3.35 -36.69 -15.77
N GLU B 110 3.91 -36.72 -16.98
CA GLU B 110 4.59 -37.91 -17.55
C GLU B 110 5.75 -38.33 -16.63
N HIS B 111 6.63 -37.40 -16.27
CA HIS B 111 7.91 -37.72 -15.60
C HIS B 111 7.69 -37.86 -14.09
N ALA B 112 6.97 -36.95 -13.45
CA ALA B 112 6.91 -36.86 -11.98
C ALA B 112 5.59 -37.43 -11.44
N GLY B 113 4.62 -37.77 -12.30
CA GLY B 113 3.31 -38.30 -11.88
C GLY B 113 2.29 -37.20 -11.61
N GLY B 114 2.70 -35.94 -11.69
CA GLY B 114 1.82 -34.78 -11.45
C GLY B 114 2.62 -33.53 -11.13
N LEU B 115 1.92 -32.48 -10.69
CA LEU B 115 2.49 -31.14 -10.42
C LEU B 115 1.93 -30.65 -9.09
N ASP B 116 2.81 -30.33 -8.15
CA ASP B 116 2.42 -29.89 -6.78
C ASP B 116 2.76 -28.41 -6.61
N ILE B 117 3.84 -27.96 -7.26
CA ILE B 117 4.49 -26.64 -7.04
C ILE B 117 4.82 -26.03 -8.40
N LEU B 118 4.30 -24.83 -8.69
CA LEU B 118 4.74 -24.00 -9.84
C LEU B 118 5.46 -22.77 -9.28
N VAL B 119 6.65 -22.49 -9.82
CA VAL B 119 7.35 -21.19 -9.64
C VAL B 119 7.44 -20.50 -10.99
N ASN B 120 6.71 -19.39 -11.13
CA ASN B 120 6.71 -18.51 -12.32
C ASN B 120 7.93 -17.59 -12.24
N ASN B 121 9.09 -18.03 -12.74
CA ASN B 121 10.39 -17.35 -12.56
C ASN B 121 10.81 -16.65 -13.87
N ALA B 122 10.40 -17.18 -15.02
CA ALA B 122 10.83 -16.66 -16.33
C ALA B 122 10.36 -15.21 -16.46
N ALA B 123 11.27 -14.33 -16.89
CA ALA B 123 11.03 -12.88 -16.95
C ALA B 123 12.10 -12.23 -17.82
N LEU B 124 11.78 -11.03 -18.30
CA LEU B 124 12.63 -10.20 -19.17
C LEU B 124 12.59 -8.78 -18.61
N PHE B 125 13.75 -8.14 -18.61
CA PHE B 125 13.91 -6.76 -18.14
C PHE B 125 14.07 -5.86 -19.37
N ASP B 126 13.58 -4.62 -19.28
CA ASP B 126 13.93 -3.55 -20.24
C ASP B 126 13.78 -2.21 -19.54
N LEU B 127 14.35 -1.18 -20.12
CA LEU B 127 14.38 0.19 -19.54
C LEU B 127 14.29 1.18 -20.70
N ALA B 128 13.42 2.20 -20.60
CA ALA B 128 13.37 3.29 -21.59
C ALA B 128 12.54 4.43 -21.04
N PRO B 129 12.92 5.70 -21.25
CA PRO B 129 12.05 6.81 -20.86
C PRO B 129 10.72 6.64 -21.62
N ILE B 130 9.65 7.29 -21.15
CA ILE B 130 8.26 7.18 -21.71
C ILE B 130 8.30 7.43 -23.23
N VAL B 131 8.98 8.50 -23.66
CA VAL B 131 8.94 8.98 -25.08
C VAL B 131 9.76 8.04 -25.97
N GLU B 132 10.53 7.11 -25.42
CA GLU B 132 11.32 6.12 -26.23
C GLU B 132 10.78 4.69 -26.07
N ILE B 133 9.68 4.49 -25.34
CA ILE B 133 9.09 3.14 -25.16
C ILE B 133 8.58 2.70 -26.53
N THR B 134 8.92 1.48 -26.94
CA THR B 134 8.50 0.89 -28.24
C THR B 134 7.40 -0.13 -27.97
N ARG B 135 6.47 -0.29 -28.93
CA ARG B 135 5.43 -1.35 -28.89
C ARG B 135 6.11 -2.73 -28.79
N GLU B 136 7.31 -2.88 -29.35
CA GLU B 136 8.08 -4.16 -29.29
C GLU B 136 8.46 -4.44 -27.83
N SER B 137 8.88 -3.41 -27.09
CA SER B 137 9.32 -3.58 -25.69
C SER B 137 8.10 -3.97 -24.85
N TYR B 138 7.02 -3.21 -25.00
CA TYR B 138 5.70 -3.50 -24.38
C TYR B 138 5.28 -4.94 -24.70
N GLU B 139 5.21 -5.29 -25.99
CA GLU B 139 4.67 -6.61 -26.42
C GLU B 139 5.54 -7.73 -25.83
N LYS B 140 6.87 -7.60 -25.88
CA LYS B 140 7.81 -8.68 -25.47
C LYS B 140 7.80 -8.83 -23.96
N LEU B 141 7.80 -7.72 -23.19
CA LEU B 141 7.82 -7.84 -21.72
C LEU B 141 6.45 -8.32 -21.22
N PHE B 142 5.33 -7.82 -21.75
CA PHE B 142 3.99 -8.25 -21.30
C PHE B 142 3.76 -9.72 -21.66
N ALA B 143 4.28 -10.16 -22.81
CA ALA B 143 4.15 -11.57 -23.25
C ALA B 143 4.83 -12.49 -22.23
N ILE B 144 6.08 -12.23 -21.86
CA ILE B 144 6.84 -13.13 -20.94
C ILE B 144 6.33 -12.95 -19.51
N ASN B 145 6.35 -11.71 -19.02
CA ASN B 145 6.26 -11.36 -17.58
C ASN B 145 4.82 -11.51 -17.10
N VAL B 146 3.85 -11.24 -17.95
CA VAL B 146 2.41 -11.28 -17.58
C VAL B 146 1.73 -12.49 -18.20
N ALA B 147 1.53 -12.51 -19.53
CA ALA B 147 0.86 -13.61 -20.24
C ALA B 147 1.52 -14.93 -19.83
N GLY B 148 2.85 -15.00 -19.87
CA GLY B 148 3.61 -16.22 -19.51
C GLY B 148 3.30 -16.70 -18.11
N THR B 149 3.26 -15.78 -17.13
CA THR B 149 2.98 -16.13 -15.71
C THR B 149 1.49 -16.53 -15.65
N LEU B 150 0.61 -15.74 -16.23
CA LEU B 150 -0.85 -15.97 -16.12
C LEU B 150 -1.18 -17.37 -16.68
N PHE B 151 -0.72 -17.67 -17.90
CA PHE B 151 -1.23 -18.84 -18.67
C PHE B 151 -0.49 -20.09 -18.17
N THR B 152 0.69 -19.94 -17.60
CA THR B 152 1.39 -21.10 -16.96
C THR B 152 0.64 -21.38 -15.64
N LEU B 153 0.30 -20.32 -14.90
CA LEU B 153 -0.43 -20.42 -13.62
C LEU B 153 -1.76 -21.12 -13.92
N GLN B 154 -2.46 -20.71 -14.97
CA GLN B 154 -3.75 -21.31 -15.39
C GLN B 154 -3.55 -22.81 -15.69
N ALA B 155 -2.49 -23.17 -16.39
CA ALA B 155 -2.26 -24.55 -16.85
C ALA B 155 -1.94 -25.42 -15.63
N ALA B 156 -1.13 -24.91 -14.71
CA ALA B 156 -0.76 -25.63 -13.46
C ALA B 156 -2.00 -25.81 -12.58
N ALA B 157 -2.82 -24.76 -12.45
CA ALA B 157 -4.07 -24.75 -11.67
C ALA B 157 -5.02 -25.84 -12.19
N ARG B 158 -5.27 -25.85 -13.49
CA ARG B 158 -6.05 -26.90 -14.18
C ARG B 158 -5.55 -28.30 -13.80
N GLN B 159 -4.25 -28.57 -13.91
CA GLN B 159 -3.66 -29.88 -13.52
C GLN B 159 -3.86 -30.09 -12.02
N MET B 160 -3.64 -29.07 -11.21
CA MET B 160 -3.70 -29.22 -9.74
C MET B 160 -5.15 -29.54 -9.32
N ILE B 161 -6.14 -28.91 -9.96
CA ILE B 161 -7.58 -29.11 -9.65
C ILE B 161 -7.95 -30.56 -10.02
N ALA B 162 -7.47 -31.06 -11.15
CA ALA B 162 -7.80 -32.41 -11.67
C ALA B 162 -7.19 -33.47 -10.75
N GLN B 163 -6.01 -33.20 -10.19
CA GLN B 163 -5.40 -34.10 -9.18
C GLN B 163 -6.21 -34.14 -7.88
N GLY B 164 -6.80 -33.02 -7.45
CA GLY B 164 -7.55 -32.94 -6.19
C GLY B 164 -6.68 -33.00 -4.95
N ARG B 165 -5.38 -32.69 -5.06
CA ARG B 165 -4.43 -32.73 -3.91
C ARG B 165 -4.00 -31.31 -3.49
N GLY B 166 -4.65 -30.27 -4.00
CA GLY B 166 -4.22 -28.90 -3.73
C GLY B 166 -2.85 -28.63 -4.33
N GLY B 167 -2.24 -27.49 -4.02
CA GLY B 167 -1.01 -27.07 -4.72
C GLY B 167 -0.45 -25.78 -4.18
N LYS B 168 0.71 -25.43 -4.72
CA LYS B 168 1.46 -24.22 -4.38
C LYS B 168 1.87 -23.55 -5.70
N ILE B 169 1.46 -22.29 -5.88
CA ILE B 169 1.98 -21.47 -6.99
C ILE B 169 2.68 -20.24 -6.39
N ILE B 170 3.91 -19.98 -6.85
CA ILE B 170 4.79 -18.85 -6.44
C ILE B 170 5.14 -18.05 -7.69
N ASN B 171 4.62 -16.83 -7.77
CA ASN B 171 4.92 -15.86 -8.84
C ASN B 171 6.17 -15.10 -8.41
N MET B 172 7.00 -14.67 -9.35
CA MET B 172 8.19 -13.85 -9.05
C MET B 172 7.81 -12.41 -9.42
N ALA B 173 7.58 -11.57 -8.43
CA ALA B 173 7.33 -10.13 -8.64
C ALA B 173 8.70 -9.43 -8.54
N SER B 174 8.76 -8.26 -7.92
CA SER B 174 9.95 -7.40 -7.89
C SER B 174 9.59 -6.11 -7.16
N GLN B 175 10.58 -5.49 -6.55
CA GLN B 175 10.44 -4.11 -6.06
C GLN B 175 9.74 -3.31 -7.17
N ALA B 176 10.02 -3.59 -8.45
CA ALA B 176 9.51 -2.76 -9.58
C ALA B 176 7.98 -2.80 -9.63
N GLY B 177 7.38 -3.88 -9.20
CA GLY B 177 5.90 -4.00 -9.16
C GLY B 177 5.30 -3.25 -7.98
N ARG B 178 6.10 -2.81 -7.00
CA ARG B 178 5.63 -2.08 -5.79
C ARG B 178 5.48 -0.59 -6.10
N ARG B 179 6.25 -0.06 -7.05
CA ARG B 179 6.26 1.40 -7.31
C ARG B 179 6.94 1.63 -8.65
N GLY B 180 6.47 2.63 -9.38
CA GLY B 180 7.02 3.04 -10.68
C GLY B 180 8.40 3.64 -10.53
N GLU B 181 9.11 3.70 -11.64
CA GLU B 181 10.38 4.42 -11.89
C GLU B 181 10.28 5.11 -13.25
N ALA B 182 10.79 6.35 -13.35
CA ALA B 182 10.79 7.19 -14.57
C ALA B 182 11.19 6.37 -15.79
N LEU B 183 12.26 5.57 -15.68
CA LEU B 183 12.92 4.89 -16.83
C LEU B 183 12.46 3.44 -16.97
N VAL B 184 11.64 2.90 -16.07
CA VAL B 184 11.34 1.43 -16.06
C VAL B 184 9.81 1.20 -16.10
N ALA B 185 9.09 2.00 -16.89
CA ALA B 185 7.60 2.02 -16.91
C ALA B 185 7.07 0.66 -17.34
N ILE B 186 7.73 0.04 -18.31
CA ILE B 186 7.22 -1.24 -18.85
C ILE B 186 7.45 -2.37 -17.85
N TYR B 187 8.64 -2.48 -17.29
CA TYR B 187 8.95 -3.66 -16.44
C TYR B 187 8.16 -3.53 -15.14
N CYS B 188 8.13 -2.32 -14.58
CA CYS B 188 7.36 -1.95 -13.36
C CYS B 188 5.90 -2.35 -13.57
N ALA B 189 5.33 -1.94 -14.68
CA ALA B 189 3.92 -2.25 -14.99
C ALA B 189 3.75 -3.77 -15.03
N THR B 190 4.65 -4.50 -15.69
CA THR B 190 4.51 -5.98 -15.76
C THR B 190 4.53 -6.55 -14.35
N LYS B 191 5.43 -6.12 -13.49
CA LYS B 191 5.56 -6.74 -12.14
C LYS B 191 4.38 -6.32 -11.24
N ALA B 192 3.86 -5.11 -11.42
CA ALA B 192 2.60 -4.62 -10.81
C ALA B 192 1.43 -5.52 -11.23
N ALA B 193 1.32 -5.82 -12.52
CA ALA B 193 0.31 -6.77 -13.04
C ALA B 193 0.52 -8.13 -12.35
N VAL B 194 1.78 -8.58 -12.13
CA VAL B 194 2.01 -9.92 -11.49
C VAL B 194 1.44 -9.93 -10.06
N ILE B 195 1.63 -8.84 -9.31
CA ILE B 195 1.18 -8.75 -7.88
C ILE B 195 -0.33 -8.87 -7.86
N SER B 196 -1.01 -8.10 -8.72
CA SER B 196 -2.47 -8.15 -8.94
C SER B 196 -2.92 -9.58 -9.28
N LEU B 197 -2.30 -10.19 -10.28
CA LEU B 197 -2.66 -11.56 -10.72
C LEU B 197 -2.50 -12.52 -9.55
N THR B 198 -1.43 -12.38 -8.78
CA THR B 198 -1.16 -13.21 -7.58
C THR B 198 -2.35 -13.04 -6.62
N GLN B 199 -2.90 -11.83 -6.53
CA GLN B 199 -3.95 -11.57 -5.55
C GLN B 199 -5.24 -12.25 -6.04
N SER B 200 -5.61 -11.98 -7.29
CA SER B 200 -6.82 -12.51 -7.98
C SER B 200 -6.77 -14.05 -7.98
N ALA B 201 -5.69 -14.64 -8.50
CA ALA B 201 -5.54 -16.09 -8.65
C ALA B 201 -5.60 -16.75 -7.26
N GLY B 202 -4.96 -16.13 -6.27
CA GLY B 202 -4.96 -16.65 -4.90
C GLY B 202 -6.36 -16.77 -4.33
N LEU B 203 -7.19 -15.74 -4.48
CA LEU B 203 -8.58 -15.75 -3.99
C LEU B 203 -9.38 -16.78 -4.79
N ASP B 204 -9.08 -16.97 -6.08
CA ASP B 204 -9.93 -17.81 -6.97
C ASP B 204 -9.58 -19.28 -6.76
N LEU B 205 -8.35 -19.58 -6.39
CA LEU B 205 -7.82 -20.96 -6.38
C LEU B 205 -7.73 -21.53 -4.97
N ILE B 206 -7.87 -20.72 -3.91
CA ILE B 206 -7.69 -21.26 -2.51
C ILE B 206 -8.80 -22.29 -2.18
N LYS B 207 -9.97 -22.21 -2.82
CA LYS B 207 -11.03 -23.23 -2.59
C LYS B 207 -10.58 -24.62 -3.12
N HIS B 208 -9.50 -24.70 -3.91
CA HIS B 208 -8.93 -25.97 -4.43
C HIS B 208 -7.71 -26.36 -3.61
N ARG B 209 -7.45 -25.61 -2.53
CA ARG B 209 -6.27 -25.79 -1.65
C ARG B 209 -4.98 -25.51 -2.44
N ILE B 210 -5.06 -24.63 -3.43
CA ILE B 210 -3.87 -24.08 -4.15
C ILE B 210 -3.54 -22.71 -3.53
N ASN B 211 -2.40 -22.59 -2.85
CA ASN B 211 -1.89 -21.27 -2.38
C ASN B 211 -1.21 -20.57 -3.56
N VAL B 212 -1.65 -19.37 -3.88
CA VAL B 212 -0.91 -18.48 -4.80
C VAL B 212 -0.34 -17.32 -3.98
N ASN B 213 0.98 -17.17 -4.07
CA ASN B 213 1.72 -16.05 -3.44
C ASN B 213 2.83 -15.63 -4.41
N ALA B 214 3.57 -14.58 -4.06
CA ALA B 214 4.66 -14.05 -4.89
C ALA B 214 5.80 -13.64 -3.98
N ILE B 215 7.01 -13.68 -4.53
CA ILE B 215 8.27 -13.18 -3.94
C ILE B 215 8.67 -11.96 -4.78
N ALA B 216 8.97 -10.85 -4.11
CA ALA B 216 9.46 -9.60 -4.72
C ALA B 216 10.92 -9.40 -4.29
N PRO B 217 11.89 -9.83 -5.12
CA PRO B 217 13.30 -9.52 -4.90
C PRO B 217 13.55 -8.02 -5.03
N GLY B 218 14.68 -7.57 -4.48
CA GLY B 218 15.13 -6.18 -4.65
C GLY B 218 16.04 -6.10 -5.84
N VAL B 219 17.34 -5.96 -5.58
CA VAL B 219 18.42 -6.00 -6.61
C VAL B 219 19.27 -7.23 -6.32
N VAL B 220 19.37 -8.14 -7.28
CA VAL B 220 20.14 -9.40 -7.10
C VAL B 220 21.38 -9.33 -8.00
N ASP B 221 22.54 -9.70 -7.49
CA ASP B 221 23.79 -9.72 -8.29
C ASP B 221 23.62 -10.80 -9.37
N GLY B 222 24.43 -10.70 -10.43
CA GLY B 222 24.54 -11.69 -11.52
C GLY B 222 24.75 -11.07 -12.88
N GLU B 223 24.97 -11.94 -13.88
CA GLU B 223 25.32 -11.61 -15.29
C GLU B 223 24.42 -10.47 -15.82
N HIS B 224 23.13 -10.47 -15.47
CA HIS B 224 22.09 -9.54 -16.02
C HIS B 224 22.50 -8.07 -15.81
N TRP B 225 23.28 -7.76 -14.77
CA TRP B 225 23.57 -6.35 -14.38
C TRP B 225 24.45 -5.63 -15.42
N ASP B 226 25.20 -6.39 -16.23
CA ASP B 226 25.86 -5.86 -17.47
C ASP B 226 24.83 -5.05 -18.26
N GLY B 227 23.75 -5.74 -18.68
CA GLY B 227 22.62 -5.14 -19.40
C GLY B 227 22.01 -3.98 -18.62
N VAL B 228 21.64 -4.23 -17.36
CA VAL B 228 20.86 -3.28 -16.51
C VAL B 228 21.69 -2.00 -16.28
N ASP B 229 22.96 -2.13 -15.89
CA ASP B 229 23.85 -0.97 -15.63
C ASP B 229 24.04 -0.18 -16.93
N ALA B 230 24.36 -0.89 -18.02
CA ALA B 230 24.48 -0.35 -19.39
C ALA B 230 23.25 0.52 -19.71
N LEU B 231 22.03 0.02 -19.46
CA LEU B 231 20.77 0.76 -19.78
C LEU B 231 20.67 2.03 -18.94
N PHE B 232 20.89 1.94 -17.62
CA PHE B 232 20.92 3.12 -16.72
C PHE B 232 22.07 4.05 -17.16
N ALA B 233 23.28 3.49 -17.35
CA ALA B 233 24.51 4.23 -17.72
C ALA B 233 24.16 5.23 -18.83
N ARG B 234 23.62 4.73 -19.95
CA ARG B 234 23.15 5.56 -21.09
C ARG B 234 22.24 6.68 -20.58
N TYR B 235 21.04 6.34 -20.09
CA TYR B 235 19.94 7.33 -19.86
C TYR B 235 20.27 8.27 -18.71
N GLU B 236 21.06 7.83 -17.73
CA GLU B 236 21.42 8.63 -16.53
C GLU B 236 22.84 9.23 -16.71
N ASN B 237 23.55 8.84 -17.76
CA ASN B 237 24.86 9.44 -18.14
C ASN B 237 25.86 9.13 -17.02
N ARG B 238 26.26 7.86 -16.91
CA ARG B 238 27.09 7.33 -15.79
C ARG B 238 28.20 6.46 -16.36
N PRO B 239 29.38 6.43 -15.71
CA PRO B 239 30.40 5.44 -16.06
C PRO B 239 29.77 4.04 -15.89
N ARG B 240 30.07 3.10 -16.78
CA ARG B 240 29.67 1.67 -16.60
C ARG B 240 30.06 1.23 -15.18
N GLY B 241 29.24 0.41 -14.54
CA GLY B 241 29.50 -0.17 -13.21
C GLY B 241 29.14 0.73 -12.03
N GLU B 242 28.83 2.02 -12.26
CA GLU B 242 28.45 3.00 -11.21
C GLU B 242 27.07 2.66 -10.66
N LYS B 243 26.05 2.62 -11.53
CA LYS B 243 24.65 2.31 -11.15
C LYS B 243 24.63 1.05 -10.31
N LYS B 244 25.24 -0.03 -10.79
CA LYS B 244 25.28 -1.32 -10.06
C LYS B 244 25.91 -1.10 -8.68
N ARG B 245 27.01 -0.34 -8.59
CA ARG B 245 27.70 -0.04 -7.31
C ARG B 245 26.77 0.77 -6.40
N LEU B 246 26.24 1.92 -6.85
CA LEU B 246 25.38 2.80 -6.00
C LEU B 246 24.17 2.00 -5.49
N VAL B 247 23.54 1.24 -6.37
CA VAL B 247 22.31 0.45 -6.08
C VAL B 247 22.63 -0.57 -4.98
N GLY B 248 23.77 -1.28 -5.07
CA GLY B 248 24.21 -2.29 -4.08
C GLY B 248 24.47 -1.67 -2.70
N GLU B 249 25.04 -0.48 -2.68
CA GLU B 249 25.38 0.28 -1.45
C GLU B 249 24.13 0.95 -0.85
N ALA B 250 23.03 1.05 -1.60
CA ALA B 250 21.81 1.74 -1.13
C ALA B 250 20.87 0.72 -0.44
N VAL B 251 21.15 -0.58 -0.60
CA VAL B 251 20.33 -1.64 0.03
C VAL B 251 20.56 -1.50 1.52
N PRO B 252 19.52 -1.23 2.34
CA PRO B 252 19.71 -1.06 3.78
C PRO B 252 20.52 -2.22 4.38
N PHE B 253 20.24 -3.46 3.98
CA PHE B 253 20.98 -4.65 4.46
C PHE B 253 22.48 -4.41 4.32
N GLY B 254 22.92 -3.81 3.20
CA GLY B 254 24.32 -3.41 3.01
C GLY B 254 24.95 -4.02 1.78
N ARG B 255 24.23 -4.87 1.03
CA ARG B 255 24.77 -5.44 -0.24
C ARG B 255 23.63 -5.78 -1.20
N MET B 256 23.99 -5.81 -2.48
CA MET B 256 23.23 -6.46 -3.58
C MET B 256 22.87 -7.88 -3.15
N GLY B 257 21.68 -8.32 -3.57
CA GLY B 257 21.13 -9.64 -3.22
C GLY B 257 21.88 -10.77 -3.90
N THR B 258 21.69 -11.99 -3.41
CA THR B 258 22.07 -13.24 -4.11
C THR B 258 20.79 -14.05 -4.30
N ALA B 259 20.85 -15.05 -5.17
CA ALA B 259 19.77 -16.03 -5.32
C ALA B 259 19.57 -16.78 -3.98
N GLU B 260 20.62 -16.97 -3.18
CA GLU B 260 20.54 -17.78 -1.93
C GLU B 260 19.78 -17.01 -0.84
N ASP B 261 19.62 -15.68 -0.95
CA ASP B 261 18.76 -14.86 -0.04
C ASP B 261 17.29 -15.27 -0.20
N LEU B 262 16.93 -15.73 -1.40
CA LEU B 262 15.54 -15.94 -1.85
C LEU B 262 15.11 -17.40 -1.64
N THR B 263 16.05 -18.35 -1.51
CA THR B 263 15.73 -19.80 -1.56
C THR B 263 14.91 -20.22 -0.33
N GLY B 264 15.18 -19.62 0.84
CA GLY B 264 14.42 -19.89 2.07
C GLY B 264 12.94 -19.60 1.86
N MET B 265 12.63 -18.43 1.29
CA MET B 265 11.25 -17.99 1.01
C MET B 265 10.62 -18.90 -0.04
N ALA B 266 11.36 -19.22 -1.10
CA ALA B 266 10.91 -20.14 -2.16
C ALA B 266 10.46 -21.45 -1.51
N ILE B 267 11.24 -21.99 -0.59
CA ILE B 267 10.90 -23.30 0.05
C ILE B 267 9.67 -23.08 0.96
N PHE B 268 9.74 -22.09 1.84
CA PHE B 268 8.67 -21.80 2.83
C PHE B 268 7.29 -21.74 2.14
N LEU B 269 7.17 -20.99 1.03
CA LEU B 269 5.89 -20.71 0.32
C LEU B 269 5.44 -21.91 -0.52
N ALA B 270 6.32 -22.90 -0.70
CA ALA B 270 5.97 -24.19 -1.31
C ALA B 270 5.65 -25.22 -0.22
N SER B 271 5.88 -24.89 1.06
CA SER B 271 5.85 -25.89 2.15
C SER B 271 4.52 -25.81 2.90
N ALA B 272 4.21 -26.81 3.73
CA ALA B 272 3.04 -26.87 4.62
C ALA B 272 3.01 -25.69 5.62
N GLU B 273 4.17 -25.16 6.00
CA GLU B 273 4.25 -24.07 7.01
C GLU B 273 3.71 -22.75 6.44
N SER B 274 3.30 -22.74 5.17
CA SER B 274 2.73 -21.56 4.47
C SER B 274 1.28 -21.82 4.03
N ASP B 275 0.61 -22.86 4.55
CA ASP B 275 -0.72 -23.29 4.06
C ASP B 275 -1.76 -22.20 4.27
N TYR B 276 -1.66 -21.40 5.33
CA TYR B 276 -2.67 -20.34 5.58
C TYR B 276 -2.32 -19.06 4.81
N ILE B 277 -1.26 -19.05 4.01
CA ILE B 277 -0.82 -17.77 3.38
C ILE B 277 -1.37 -17.74 1.96
N VAL B 278 -2.08 -16.66 1.63
CA VAL B 278 -2.93 -16.60 0.41
C VAL B 278 -2.87 -15.18 -0.15
N SER B 279 -2.56 -15.12 -1.43
CA SER B 279 -2.66 -13.89 -2.25
C SER B 279 -1.66 -12.86 -1.72
N GLN B 280 -0.53 -13.30 -1.15
CA GLN B 280 0.48 -12.34 -0.62
C GLN B 280 1.63 -12.18 -1.63
N THR B 281 2.20 -10.97 -1.69
CA THR B 281 3.55 -10.71 -2.24
C THR B 281 4.42 -10.33 -1.06
N TYR B 282 5.51 -11.06 -0.88
CA TYR B 282 6.50 -10.89 0.20
C TYR B 282 7.81 -10.35 -0.41
N ASN B 283 8.25 -9.17 0.09
CA ASN B 283 9.54 -8.54 -0.28
C ASN B 283 10.67 -9.27 0.44
N VAL B 284 11.63 -9.79 -0.32
CA VAL B 284 12.86 -10.43 0.20
C VAL B 284 13.98 -9.67 -0.46
N ASP B 285 14.40 -8.57 0.16
CA ASP B 285 15.05 -7.49 -0.62
C ASP B 285 16.00 -6.63 0.22
N GLY B 286 16.43 -7.08 1.40
CA GLY B 286 17.34 -6.33 2.25
C GLY B 286 16.80 -4.96 2.65
N GLY B 287 15.49 -4.74 2.56
CA GLY B 287 14.88 -3.48 3.05
C GLY B 287 14.66 -2.50 1.92
N ASN B 288 14.98 -2.91 0.69
CA ASN B 288 14.84 -1.98 -0.47
C ASN B 288 13.42 -1.46 -0.56
N TRP B 289 12.41 -2.30 -0.30
CA TRP B 289 11.01 -1.82 -0.32
C TRP B 289 10.24 -2.42 0.86
N MET B 290 9.43 -1.61 1.52
CA MET B 290 8.77 -2.05 2.77
C MET B 290 7.28 -2.26 2.50
N SER B 291 6.85 -3.50 2.53
CA SER B 291 5.43 -3.85 2.25
C SER B 291 4.84 -4.57 3.47
N LYS C 36 -15.52 31.47 -4.46
CA LYS C 36 -15.93 31.46 -3.02
C LYS C 36 -16.48 30.08 -2.67
N ARG C 37 -15.61 29.07 -2.67
CA ARG C 37 -16.02 27.64 -2.57
C ARG C 37 -16.47 27.26 -1.16
N LEU C 38 -16.09 28.02 -0.11
CA LEU C 38 -16.40 27.72 1.31
C LEU C 38 -17.28 28.82 1.91
N GLU C 39 -18.09 29.46 1.06
CA GLU C 39 -18.96 30.61 1.42
C GLU C 39 -19.79 30.27 2.65
N GLY C 40 -19.68 31.05 3.73
CA GLY C 40 -20.47 30.91 4.95
C GLY C 40 -20.05 29.74 5.84
N LYS C 41 -19.01 28.97 5.48
CA LYS C 41 -18.56 27.78 6.29
C LYS C 41 -17.71 28.23 7.48
N SER C 42 -17.87 27.52 8.58
CA SER C 42 -17.11 27.70 9.84
C SER C 42 -16.04 26.63 9.91
N ALA C 43 -14.76 27.05 9.93
CA ALA C 43 -13.59 26.17 10.05
C ALA C 43 -12.88 26.42 11.40
N LEU C 44 -12.22 25.38 11.92
CA LEU C 44 -11.19 25.52 12.97
C LEU C 44 -9.96 24.78 12.45
N ILE C 45 -8.80 25.42 12.52
CA ILE C 45 -7.53 24.79 12.11
C ILE C 45 -6.62 24.77 13.33
N THR C 46 -6.25 23.58 13.82
CA THR C 46 -5.35 23.43 14.98
C THR C 46 -3.96 23.91 14.55
N GLY C 47 -3.21 24.52 15.47
CA GLY C 47 -1.83 25.00 15.24
C GLY C 47 -1.69 25.84 13.99
N SER C 48 -2.56 26.83 13.77
CA SER C 48 -2.63 27.59 12.50
C SER C 48 -2.13 29.02 12.64
N ALA C 49 -1.45 29.36 13.74
CA ALA C 49 -0.88 30.71 13.90
C ALA C 49 0.22 30.92 12.85
N ARG C 50 0.97 29.87 12.47
CA ARG C 50 2.06 29.95 11.47
C ARG C 50 2.09 28.74 10.54
N GLY C 51 2.96 28.80 9.53
CA GLY C 51 3.26 27.67 8.63
C GLY C 51 2.04 27.20 7.84
N ILE C 52 1.91 25.90 7.65
CA ILE C 52 0.90 25.32 6.71
C ILE C 52 -0.50 25.66 7.23
N GLY C 53 -0.75 25.54 8.54
CA GLY C 53 -2.05 25.82 9.14
C GLY C 53 -2.50 27.25 8.80
N ARG C 54 -1.56 28.19 8.84
CA ARG C 54 -1.81 29.64 8.62
C ARG C 54 -2.16 29.85 7.15
N ALA C 55 -1.48 29.11 6.27
CA ALA C 55 -1.69 29.18 4.81
C ALA C 55 -3.13 28.71 4.54
N PHE C 56 -3.53 27.62 5.19
CA PHE C 56 -4.90 27.05 5.09
C PHE C 56 -5.94 28.07 5.55
N ALA C 57 -5.68 28.76 6.66
CA ALA C 57 -6.62 29.74 7.25
C ALA C 57 -6.83 30.90 6.26
N GLU C 58 -5.73 31.45 5.74
CA GLU C 58 -5.79 32.55 4.75
C GLU C 58 -6.56 32.06 3.51
N ALA C 59 -6.31 30.85 3.02
CA ALA C 59 -6.94 30.33 1.78
C ALA C 59 -8.44 30.13 2.04
N TYR C 60 -8.80 29.59 3.20
CA TYR C 60 -10.22 29.34 3.59
C TYR C 60 -10.97 30.68 3.67
N VAL C 61 -10.35 31.70 4.29
CA VAL C 61 -10.92 33.08 4.41
C VAL C 61 -11.13 33.62 2.98
N ARG C 62 -10.11 33.58 2.12
CA ARG C 62 -10.21 33.97 0.69
C ARG C 62 -11.43 33.30 0.04
N GLU C 63 -11.74 32.05 0.40
CA GLU C 63 -12.84 31.25 -0.22
C GLU C 63 -14.16 31.47 0.55
N GLY C 64 -14.20 32.42 1.49
CA GLY C 64 -15.45 32.87 2.13
C GLY C 64 -15.74 32.17 3.44
N ALA C 65 -14.80 31.38 3.96
CA ALA C 65 -14.93 30.73 5.28
C ALA C 65 -14.66 31.73 6.41
N THR C 66 -15.33 31.52 7.55
CA THR C 66 -14.92 32.03 8.87
C THR C 66 -13.98 30.98 9.45
N VAL C 67 -12.83 31.38 10.00
CA VAL C 67 -11.78 30.43 10.44
C VAL C 67 -11.33 30.72 11.87
N ALA C 68 -11.42 29.73 12.76
CA ALA C 68 -10.77 29.75 14.09
C ALA C 68 -9.29 29.40 13.92
N ILE C 69 -8.43 30.39 14.12
CA ILE C 69 -6.94 30.24 14.21
C ILE C 69 -6.64 29.69 15.60
N ALA C 70 -6.70 28.37 15.78
CA ALA C 70 -6.43 27.73 17.08
C ALA C 70 -4.92 27.54 17.21
N ASP C 71 -4.34 27.96 18.32
CA ASP C 71 -2.90 27.74 18.60
C ASP C 71 -2.70 27.78 20.12
N ILE C 72 -1.73 27.00 20.60
CA ILE C 72 -1.23 27.06 22.00
C ILE C 72 -0.74 28.49 22.26
N ASP C 73 -0.10 29.14 21.26
CA ASP C 73 0.40 30.53 21.35
C ASP C 73 -0.71 31.51 20.94
N ILE C 74 -1.48 31.98 21.92
CA ILE C 74 -2.67 32.88 21.70
C ILE C 74 -2.21 34.20 21.05
N GLU C 75 -0.98 34.63 21.32
CA GLU C 75 -0.42 35.93 20.83
C GLU C 75 -0.18 35.80 19.31
N ARG C 76 0.46 34.73 18.86
CA ARG C 76 0.71 34.48 17.42
C ARG C 76 -0.60 34.19 16.70
N ALA C 77 -1.62 33.69 17.42
CA ALA C 77 -2.97 33.43 16.91
C ALA C 77 -3.67 34.74 16.59
N ARG C 78 -3.69 35.67 17.57
CA ARG C 78 -4.31 37.01 17.48
C ARG C 78 -3.66 37.76 16.32
N GLN C 79 -2.33 37.75 16.27
CA GLN C 79 -1.55 38.47 15.24
C GLN C 79 -1.92 37.87 13.87
N ALA C 80 -2.03 36.53 13.76
CA ALA C 80 -2.36 35.84 12.50
C ALA C 80 -3.75 36.28 12.06
N ALA C 81 -4.70 36.28 12.99
CA ALA C 81 -6.14 36.61 12.79
C ALA C 81 -6.29 38.07 12.38
N ALA C 82 -5.52 38.98 13.00
CA ALA C 82 -5.51 40.42 12.70
C ALA C 82 -5.03 40.63 11.26
N GLU C 83 -4.04 39.84 10.85
CA GLU C 83 -3.39 39.95 9.51
C GLU C 83 -4.29 39.33 8.44
N ILE C 84 -4.99 38.24 8.75
CA ILE C 84 -5.78 37.47 7.76
C ILE C 84 -7.08 38.23 7.49
N GLY C 85 -7.63 38.89 8.51
CA GLY C 85 -8.78 39.80 8.37
C GLY C 85 -9.98 39.35 9.20
N PRO C 86 -11.13 40.04 9.06
CA PRO C 86 -12.22 39.93 10.04
C PRO C 86 -12.79 38.52 10.18
N ALA C 87 -12.74 37.71 9.13
CA ALA C 87 -13.30 36.35 9.07
C ALA C 87 -12.43 35.37 9.86
N ALA C 88 -11.21 35.76 10.24
CA ALA C 88 -10.30 34.95 11.10
C ALA C 88 -10.35 35.45 12.55
N TYR C 89 -10.38 34.54 13.50
CA TYR C 89 -10.37 34.87 14.95
C TYR C 89 -9.54 33.83 15.70
N ALA C 90 -8.88 34.30 16.75
CA ALA C 90 -7.90 33.56 17.55
C ALA C 90 -8.63 32.76 18.62
N VAL C 91 -8.19 31.53 18.82
CA VAL C 91 -8.69 30.60 19.86
C VAL C 91 -7.46 29.95 20.52
N GLN C 92 -7.31 30.11 21.84
CA GLN C 92 -6.22 29.46 22.60
C GLN C 92 -6.58 27.98 22.70
N MET C 93 -5.67 27.07 22.36
CA MET C 93 -6.03 25.63 22.31
C MET C 93 -4.78 24.78 22.52
N ASP C 94 -4.83 23.91 23.53
CA ASP C 94 -3.83 22.83 23.74
C ASP C 94 -4.51 21.51 23.36
N VAL C 95 -4.20 20.96 22.18
CA VAL C 95 -4.89 19.76 21.63
C VAL C 95 -4.54 18.52 22.47
N THR C 96 -3.58 18.61 23.41
CA THR C 96 -3.24 17.50 24.34
C THR C 96 -4.21 17.51 25.53
N ARG C 97 -5.00 18.57 25.71
CA ARG C 97 -5.89 18.71 26.89
C ARG C 97 -7.35 18.68 26.44
N GLN C 98 -8.13 17.71 26.95
CA GLN C 98 -9.58 17.53 26.64
C GLN C 98 -10.36 18.82 26.94
N ASP C 99 -10.11 19.48 28.08
CA ASP C 99 -10.81 20.74 28.49
C ASP C 99 -10.52 21.85 27.48
N SER C 100 -9.26 22.04 27.10
CA SER C 100 -8.85 22.98 26.01
C SER C 100 -9.55 22.60 24.70
N ILE C 101 -9.54 21.33 24.30
CA ILE C 101 -10.23 20.87 23.06
C ILE C 101 -11.69 21.31 23.11
N ASP C 102 -12.40 20.96 24.18
CA ASP C 102 -13.87 21.19 24.29
C ASP C 102 -14.15 22.71 24.32
N ALA C 103 -13.34 23.47 25.07
CA ALA C 103 -13.43 24.94 25.14
C ALA C 103 -13.20 25.57 23.76
N ALA C 104 -12.35 24.99 22.90
CA ALA C 104 -12.07 25.51 21.53
C ALA C 104 -13.29 25.30 20.61
N ILE C 105 -13.88 24.10 20.62
CA ILE C 105 -15.13 23.78 19.82
C ILE C 105 -16.25 24.73 20.28
N ALA C 106 -16.37 24.95 21.58
CA ALA C 106 -17.39 25.82 22.22
C ALA C 106 -17.24 27.25 21.68
N ALA C 107 -16.01 27.76 21.69
CA ALA C 107 -15.64 29.12 21.21
C ALA C 107 -16.01 29.27 19.74
N THR C 108 -15.82 28.20 18.96
CA THR C 108 -16.14 28.17 17.51
C THR C 108 -17.66 28.27 17.28
N VAL C 109 -18.45 27.48 18.00
CA VAL C 109 -19.93 27.51 17.99
C VAL C 109 -20.37 28.92 18.42
N GLU C 110 -19.81 29.42 19.52
CA GLU C 110 -20.10 30.76 20.08
C GLU C 110 -19.92 31.81 18.98
N HIS C 111 -18.72 31.91 18.39
CA HIS C 111 -18.32 32.99 17.45
C HIS C 111 -18.99 32.80 16.09
N ALA C 112 -18.94 31.60 15.52
CA ALA C 112 -19.32 31.34 14.12
C ALA C 112 -20.74 30.75 14.03
N GLY C 113 -21.34 30.32 15.13
CA GLY C 113 -22.68 29.70 15.10
C GLY C 113 -22.60 28.19 15.00
N GLY C 114 -21.45 27.63 14.61
CA GLY C 114 -21.22 26.18 14.50
C GLY C 114 -19.89 25.84 13.85
N LEU C 115 -19.65 24.54 13.63
CA LEU C 115 -18.38 24.02 13.06
C LEU C 115 -18.71 23.17 11.83
N ASP C 116 -18.19 23.54 10.66
CA ASP C 116 -18.44 22.81 9.39
C ASP C 116 -17.16 22.10 8.92
N ILE C 117 -15.97 22.64 9.24
CA ILE C 117 -14.67 22.13 8.70
C ILE C 117 -13.69 22.07 9.86
N LEU C 118 -13.09 20.91 10.11
CA LEU C 118 -11.92 20.84 11.02
C LEU C 118 -10.69 20.49 10.21
N VAL C 119 -9.58 21.22 10.38
CA VAL C 119 -8.24 20.75 9.93
C VAL C 119 -7.38 20.49 11.18
N ASN C 120 -7.01 19.23 11.38
CA ASN C 120 -6.07 18.75 12.43
C ASN C 120 -4.64 18.99 11.94
N ASN C 121 -4.14 20.21 12.11
CA ASN C 121 -2.82 20.65 11.60
C ASN C 121 -1.75 20.65 12.69
N ALA C 122 -2.11 20.85 13.97
CA ALA C 122 -1.16 20.85 15.11
C ALA C 122 -0.37 19.54 15.09
N ALA C 123 0.96 19.62 15.05
CA ALA C 123 1.85 18.45 15.08
C ALA C 123 3.19 18.90 15.64
N LEU C 124 4.02 17.96 16.07
CA LEU C 124 5.37 18.19 16.61
C LEU C 124 6.28 17.16 15.96
N PHE C 125 7.43 17.60 15.47
CA PHE C 125 8.46 16.72 14.89
C PHE C 125 9.49 16.42 15.98
N ASP C 126 10.08 15.24 15.91
CA ASP C 126 11.32 14.94 16.67
C ASP C 126 12.03 13.83 15.92
N LEU C 127 13.29 13.60 16.24
CA LEU C 127 14.14 12.63 15.53
C LEU C 127 15.08 12.00 16.54
N ALA C 128 15.34 10.70 16.43
CA ALA C 128 16.36 10.00 17.24
C ALA C 128 16.40 8.55 16.80
N PRO C 129 17.59 7.92 16.74
CA PRO C 129 17.67 6.50 16.46
C PRO C 129 17.01 5.70 17.59
N ILE C 130 16.70 4.44 17.28
CA ILE C 130 15.88 3.53 18.11
C ILE C 130 16.46 3.50 19.54
N VAL C 131 17.78 3.40 19.66
CA VAL C 131 18.42 3.14 20.97
C VAL C 131 18.46 4.43 21.80
N GLU C 132 18.06 5.57 21.22
CA GLU C 132 18.12 6.89 21.91
C GLU C 132 16.71 7.47 22.06
N ILE C 133 15.69 6.78 21.56
CA ILE C 133 14.29 7.23 21.74
C ILE C 133 14.02 7.27 23.25
N THR C 134 13.52 8.41 23.71
CA THR C 134 13.14 8.64 25.12
C THR C 134 11.64 8.41 25.24
N ARG C 135 11.19 8.03 26.43
CA ARG C 135 9.75 7.96 26.74
C ARG C 135 9.16 9.37 26.60
N GLU C 136 9.94 10.41 26.91
CA GLU C 136 9.48 11.82 26.79
C GLU C 136 9.13 12.12 25.32
N SER C 137 9.96 11.69 24.37
CA SER C 137 9.71 11.96 22.92
C SER C 137 8.44 11.22 22.48
N TYR C 138 8.37 9.91 22.76
CA TYR C 138 7.19 9.05 22.50
C TYR C 138 5.92 9.79 22.98
N GLU C 139 5.88 10.09 24.28
CA GLU C 139 4.69 10.65 24.98
C GLU C 139 4.34 12.00 24.37
N LYS C 140 5.31 12.86 24.11
CA LYS C 140 5.03 14.25 23.65
C LYS C 140 4.45 14.18 22.22
N LEU C 141 5.05 13.39 21.35
CA LEU C 141 4.66 13.39 19.90
C LEU C 141 3.32 12.67 19.74
N PHE C 142 3.11 11.56 20.45
CA PHE C 142 1.81 10.84 20.43
C PHE C 142 0.70 11.71 21.01
N ALA C 143 0.95 12.44 22.10
CA ALA C 143 -0.06 13.31 22.75
C ALA C 143 -0.54 14.34 21.73
N ILE C 144 0.37 14.98 21.00
CA ILE C 144 -0.01 16.08 20.08
C ILE C 144 -0.50 15.45 18.76
N ASN C 145 0.28 14.56 18.17
CA ASN C 145 0.12 14.15 16.75
C ASN C 145 -1.06 13.18 16.62
N VAL C 146 -1.24 12.31 17.62
CA VAL C 146 -2.24 11.21 17.55
C VAL C 146 -3.41 11.56 18.48
N ALA C 147 -3.22 11.60 19.82
CA ALA C 147 -4.29 11.94 20.77
C ALA C 147 -4.91 13.29 20.36
N GLY C 148 -4.10 14.29 20.05
CA GLY C 148 -4.61 15.64 19.73
C GLY C 148 -5.55 15.59 18.54
N THR C 149 -5.12 14.93 17.47
CA THR C 149 -5.88 14.75 16.22
C THR C 149 -7.16 13.99 16.55
N LEU C 150 -7.05 12.84 17.22
CA LEU C 150 -8.19 11.92 17.50
C LEU C 150 -9.28 12.65 18.30
N PHE C 151 -8.92 13.30 19.41
CA PHE C 151 -9.88 13.83 20.42
C PHE C 151 -10.44 15.16 19.90
N THR C 152 -9.67 15.90 19.11
CA THR C 152 -10.19 17.10 18.40
C THR C 152 -11.17 16.63 17.32
N LEU C 153 -10.81 15.56 16.59
CA LEU C 153 -11.71 14.96 15.57
C LEU C 153 -13.02 14.52 16.25
N GLN C 154 -12.93 13.86 17.41
CA GLN C 154 -14.11 13.39 18.19
C GLN C 154 -14.96 14.59 18.63
N ALA C 155 -14.34 15.63 19.18
CA ALA C 155 -15.08 16.82 19.67
C ALA C 155 -15.78 17.50 18.49
N ALA C 156 -15.10 17.68 17.35
CA ALA C 156 -15.69 18.22 16.11
C ALA C 156 -16.84 17.34 15.60
N ALA C 157 -16.66 16.02 15.58
CA ALA C 157 -17.67 15.03 15.11
C ALA C 157 -18.96 15.17 15.93
N ARG C 158 -18.84 15.15 17.26
CA ARG C 158 -20.01 15.30 18.18
C ARG C 158 -20.77 16.58 17.82
N GLN C 159 -20.05 17.69 17.60
CA GLN C 159 -20.67 19.00 17.28
C GLN C 159 -21.35 18.89 15.91
N MET C 160 -20.68 18.26 14.95
CA MET C 160 -21.22 18.16 13.56
C MET C 160 -22.48 17.28 13.55
N ILE C 161 -22.49 16.23 14.36
CA ILE C 161 -23.64 15.28 14.48
C ILE C 161 -24.83 16.03 15.09
N ALA C 162 -24.60 16.76 16.19
CA ALA C 162 -25.62 17.56 16.92
C ALA C 162 -26.25 18.54 15.93
N GLN C 163 -25.45 19.10 15.03
CA GLN C 163 -25.89 20.13 14.06
C GLN C 163 -26.76 19.48 12.97
N GLY C 164 -26.48 18.24 12.58
CA GLY C 164 -27.27 17.54 11.54
C GLY C 164 -27.04 18.07 10.14
N ARG C 165 -25.91 18.76 9.88
CA ARG C 165 -25.68 19.44 8.57
C ARG C 165 -24.48 18.80 7.87
N GLY C 166 -23.94 17.71 8.42
CA GLY C 166 -22.72 17.06 7.92
C GLY C 166 -21.48 17.88 8.23
N GLY C 167 -20.43 17.70 7.43
CA GLY C 167 -19.16 18.39 7.72
C GLY C 167 -17.96 17.75 7.04
N LYS C 168 -16.82 18.37 7.30
CA LYS C 168 -15.54 18.09 6.62
C LYS C 168 -14.46 18.05 7.70
N ILE C 169 -13.76 16.92 7.80
CA ILE C 169 -12.56 16.80 8.66
C ILE C 169 -11.37 16.44 7.77
N ILE C 170 -10.28 17.19 7.89
CA ILE C 170 -9.01 16.98 7.16
C ILE C 170 -7.89 16.83 8.20
N ASN C 171 -7.38 15.60 8.34
CA ASN C 171 -6.15 15.31 9.12
C ASN C 171 -4.92 15.63 8.25
N MET C 172 -3.89 16.20 8.86
CA MET C 172 -2.56 16.36 8.23
C MET C 172 -1.74 15.12 8.54
N ALA C 173 -1.48 14.31 7.51
CA ALA C 173 -0.59 13.13 7.56
C ALA C 173 0.80 13.62 7.12
N SER C 174 1.63 12.76 6.55
CA SER C 174 2.99 13.09 6.05
C SER C 174 3.48 11.93 5.19
N GLN C 175 4.47 12.18 4.34
CA GLN C 175 5.27 11.11 3.75
C GLN C 175 5.72 10.18 4.87
N ALA C 176 6.00 10.71 6.05
CA ALA C 176 6.55 9.94 7.20
C ALA C 176 5.57 8.82 7.58
N GLY C 177 4.26 9.08 7.42
CA GLY C 177 3.19 8.12 7.74
C GLY C 177 3.04 7.01 6.70
N ARG C 178 3.67 7.18 5.54
CA ARG C 178 3.52 6.24 4.40
C ARG C 178 4.62 5.18 4.51
N ARG C 179 5.76 5.51 5.10
CA ARG C 179 6.87 4.53 5.25
C ARG C 179 7.79 4.96 6.40
N GLY C 180 8.42 3.99 7.04
CA GLY C 180 9.38 4.22 8.12
C GLY C 180 10.70 4.79 7.62
N GLU C 181 11.43 5.40 8.53
CA GLU C 181 12.84 5.86 8.34
C GLU C 181 13.57 5.52 9.63
N ALA C 182 14.84 5.14 9.48
CA ALA C 182 15.77 4.69 10.55
C ALA C 182 15.75 5.69 11.72
N LEU C 183 15.72 7.00 11.44
CA LEU C 183 15.96 8.02 12.49
C LEU C 183 14.64 8.60 12.99
N VAL C 184 13.49 8.20 12.43
CA VAL C 184 12.21 8.99 12.56
C VAL C 184 11.08 8.06 13.04
N ALA C 185 11.39 7.08 13.86
CA ALA C 185 10.45 6.00 14.20
C ALA C 185 9.22 6.64 14.85
N ILE C 186 9.42 7.57 15.79
CA ILE C 186 8.30 8.11 16.60
C ILE C 186 7.43 8.96 15.68
N TYR C 187 8.00 9.86 14.90
CA TYR C 187 7.16 10.79 14.11
C TYR C 187 6.47 9.98 13.01
N CYS C 188 7.21 9.04 12.40
CA CYS C 188 6.67 8.12 11.36
C CYS C 188 5.44 7.39 11.91
N ALA C 189 5.58 6.79 13.09
CA ALA C 189 4.53 6.03 13.82
C ALA C 189 3.33 6.96 14.07
N THR C 190 3.51 8.21 14.49
CA THR C 190 2.35 9.08 14.77
C THR C 190 1.59 9.35 13.47
N LYS C 191 2.31 9.62 12.41
CA LYS C 191 1.68 9.95 11.11
C LYS C 191 1.05 8.68 10.52
N ALA C 192 1.61 7.50 10.77
CA ALA C 192 1.00 6.24 10.36
C ALA C 192 -0.33 6.05 11.07
N ALA C 193 -0.38 6.38 12.36
CA ALA C 193 -1.60 6.30 13.20
C ALA C 193 -2.62 7.32 12.68
N VAL C 194 -2.20 8.54 12.29
CA VAL C 194 -3.12 9.57 11.69
C VAL C 194 -3.78 8.97 10.44
N ILE C 195 -3.04 8.33 9.54
CA ILE C 195 -3.63 7.72 8.30
C ILE C 195 -4.65 6.63 8.72
N SER C 196 -4.29 5.80 9.70
CA SER C 196 -5.17 4.72 10.20
C SER C 196 -6.49 5.29 10.74
N LEU C 197 -6.38 6.31 11.59
CA LEU C 197 -7.50 7.01 12.26
C LEU C 197 -8.38 7.69 11.21
N THR C 198 -7.75 8.26 10.20
CA THR C 198 -8.45 8.92 9.07
C THR C 198 -9.35 7.89 8.38
N GLN C 199 -8.87 6.66 8.22
CA GLN C 199 -9.62 5.57 7.53
C GLN C 199 -10.82 5.20 8.42
N SER C 200 -10.57 4.89 9.70
CA SER C 200 -11.54 4.42 10.72
C SER C 200 -12.59 5.51 10.95
N ALA C 201 -12.16 6.73 11.28
CA ALA C 201 -13.10 7.88 11.44
C ALA C 201 -13.93 8.05 10.17
N GLY C 202 -13.32 8.11 9.00
CA GLY C 202 -14.07 8.34 7.74
C GLY C 202 -15.22 7.34 7.59
N LEU C 203 -14.98 6.05 7.89
CA LEU C 203 -15.98 4.97 7.74
C LEU C 203 -17.09 5.12 8.77
N ASP C 204 -16.76 5.58 9.96
CA ASP C 204 -17.73 5.65 11.07
C ASP C 204 -18.61 6.91 10.89
N LEU C 205 -18.09 7.98 10.30
CA LEU C 205 -18.71 9.33 10.33
C LEU C 205 -19.39 9.68 9.00
N ILE C 206 -19.18 8.89 7.95
CA ILE C 206 -19.78 9.23 6.64
C ILE C 206 -21.30 9.12 6.75
N LYS C 207 -21.83 8.29 7.67
CA LYS C 207 -23.30 8.13 7.83
C LYS C 207 -23.90 9.45 8.33
N HIS C 208 -23.13 10.29 9.02
CA HIS C 208 -23.53 11.65 9.47
C HIS C 208 -23.15 12.70 8.43
N ARG C 209 -22.79 12.28 7.23
CA ARG C 209 -22.40 13.17 6.10
C ARG C 209 -21.18 14.00 6.53
N ILE C 210 -20.31 13.41 7.36
CA ILE C 210 -18.97 13.96 7.71
C ILE C 210 -17.91 13.21 6.89
N ASN C 211 -17.24 13.89 5.97
CA ASN C 211 -16.09 13.35 5.20
C ASN C 211 -14.79 13.50 6.01
N VAL C 212 -14.14 12.39 6.33
CA VAL C 212 -12.81 12.39 7.02
C VAL C 212 -11.81 11.90 5.97
N ASN C 213 -10.84 12.75 5.66
CA ASN C 213 -9.77 12.51 4.67
C ASN C 213 -8.52 13.14 5.25
N ALA C 214 -7.38 12.95 4.60
CA ALA C 214 -6.08 13.49 5.04
C ALA C 214 -5.25 13.94 3.84
N ILE C 215 -4.35 14.89 4.10
CA ILE C 215 -3.32 15.38 3.14
C ILE C 215 -1.99 14.88 3.67
N ALA C 216 -1.17 14.30 2.81
CA ALA C 216 0.21 13.87 3.17
C ALA C 216 1.18 14.73 2.38
N PRO C 217 1.71 15.81 2.98
CA PRO C 217 2.79 16.58 2.37
C PRO C 217 4.05 15.72 2.29
N GLY C 218 5.00 16.09 1.43
CA GLY C 218 6.34 15.48 1.43
C GLY C 218 7.25 16.31 2.30
N VAL C 219 8.12 17.10 1.65
CA VAL C 219 8.97 18.13 2.33
C VAL C 219 8.40 19.52 1.98
N VAL C 220 8.07 20.31 3.01
CA VAL C 220 7.41 21.64 2.85
C VAL C 220 8.25 22.67 3.57
N ASP C 221 8.59 23.75 2.90
CA ASP C 221 9.42 24.84 3.46
C ASP C 221 8.70 25.53 4.62
N GLY C 222 9.47 26.13 5.53
CA GLY C 222 8.99 27.03 6.60
C GLY C 222 10.08 27.24 7.65
N GLU C 223 9.77 28.02 8.69
CA GLU C 223 10.73 28.26 9.82
C GLU C 223 10.96 26.97 10.61
N HIS C 224 10.09 25.96 10.48
CA HIS C 224 10.25 24.63 11.13
C HIS C 224 11.48 23.88 10.59
N TRP C 225 11.90 24.14 9.33
CA TRP C 225 12.99 23.39 8.67
C TRP C 225 14.37 23.73 9.25
N ASP C 226 14.54 24.87 9.90
CA ASP C 226 15.78 25.15 10.67
C ASP C 226 15.94 24.04 11.73
N GLY C 227 14.85 23.76 12.48
CA GLY C 227 14.79 22.74 13.54
C GLY C 227 14.96 21.33 13.00
N VAL C 228 14.27 21.00 11.91
CA VAL C 228 14.31 19.66 11.24
C VAL C 228 15.71 19.42 10.70
N ASP C 229 16.25 20.37 9.92
CA ASP C 229 17.61 20.20 9.33
C ASP C 229 18.63 19.98 10.47
N ALA C 230 18.52 20.76 11.55
CA ALA C 230 19.45 20.74 12.70
C ALA C 230 19.48 19.33 13.31
N LEU C 231 18.31 18.73 13.55
CA LEU C 231 18.18 17.35 14.08
C LEU C 231 18.92 16.38 13.15
N PHE C 232 18.63 16.39 11.84
CA PHE C 232 19.29 15.49 10.84
C PHE C 232 20.80 15.79 10.81
N ALA C 233 21.18 17.08 10.80
CA ALA C 233 22.60 17.51 10.84
C ALA C 233 23.29 16.84 12.03
N ARG C 234 22.67 16.98 13.20
CA ARG C 234 23.05 16.36 14.49
C ARG C 234 23.26 14.86 14.30
N TYR C 235 22.22 14.09 13.97
CA TYR C 235 22.25 12.61 14.08
C TYR C 235 22.84 11.95 12.83
N GLU C 236 22.89 12.60 11.66
CA GLU C 236 23.55 12.05 10.45
C GLU C 236 24.95 12.64 10.27
N ASN C 237 25.31 13.65 11.08
CA ASN C 237 26.62 14.33 11.06
C ASN C 237 26.86 14.93 9.66
N ARG C 238 26.14 16.02 9.38
CA ARG C 238 26.16 16.75 8.09
C ARG C 238 26.39 18.20 8.38
N PRO C 239 26.94 18.98 7.43
CA PRO C 239 26.93 20.44 7.57
C PRO C 239 25.46 20.86 7.67
N ARG C 240 25.18 21.86 8.52
CA ARG C 240 23.83 22.50 8.62
C ARG C 240 23.38 22.87 7.20
N GLY C 241 22.12 22.59 6.85
CA GLY C 241 21.50 22.98 5.57
C GLY C 241 21.70 21.95 4.46
N GLU C 242 22.59 20.98 4.61
CA GLU C 242 22.81 19.94 3.60
C GLU C 242 21.55 19.09 3.46
N LYS C 243 20.99 18.59 4.57
CA LYS C 243 19.75 17.77 4.56
C LYS C 243 18.69 18.55 3.78
N LYS C 244 18.41 19.77 4.23
CA LYS C 244 17.34 20.58 3.65
C LYS C 244 17.57 20.67 2.15
N ARG C 245 18.80 20.99 1.74
CA ARG C 245 19.15 21.11 0.30
C ARG C 245 18.94 19.76 -0.40
N LEU C 246 19.53 18.69 0.10
CA LEU C 246 19.40 17.35 -0.53
C LEU C 246 17.92 16.93 -0.65
N VAL C 247 17.08 17.17 0.37
CA VAL C 247 15.67 16.69 0.36
C VAL C 247 14.89 17.50 -0.70
N GLY C 248 15.09 18.81 -0.75
CA GLY C 248 14.49 19.70 -1.78
C GLY C 248 14.85 19.25 -3.18
N GLU C 249 16.11 18.91 -3.45
CA GLU C 249 16.61 18.50 -4.79
C GLU C 249 16.13 17.10 -5.19
N ALA C 250 15.75 16.24 -4.22
CA ALA C 250 15.28 14.87 -4.50
C ALA C 250 13.77 14.85 -4.83
N VAL C 251 13.02 15.90 -4.53
CA VAL C 251 11.56 15.94 -4.89
C VAL C 251 11.49 15.81 -6.42
N PRO C 252 10.87 14.76 -6.99
CA PRO C 252 10.77 14.65 -8.46
C PRO C 252 10.35 15.97 -9.13
N PHE C 253 9.31 16.66 -8.63
CA PHE C 253 8.85 18.00 -9.11
C PHE C 253 10.02 18.97 -9.25
N GLY C 254 11.01 18.89 -8.37
CA GLY C 254 12.30 19.57 -8.56
C GLY C 254 12.58 20.64 -7.52
N ARG C 255 11.70 20.84 -6.53
CA ARG C 255 11.94 21.77 -5.40
C ARG C 255 11.21 21.29 -4.14
N MET C 256 11.73 21.73 -2.99
CA MET C 256 11.00 21.80 -1.70
C MET C 256 9.60 22.37 -1.93
N GLY C 257 8.61 21.86 -1.20
CA GLY C 257 7.20 22.26 -1.30
C GLY C 257 6.99 23.56 -0.56
N THR C 258 5.92 24.26 -0.92
CA THR C 258 5.39 25.43 -0.17
C THR C 258 4.03 25.02 0.38
N ALA C 259 3.53 25.79 1.36
CA ALA C 259 2.18 25.64 1.92
C ALA C 259 1.15 25.93 0.83
N GLU C 260 1.51 26.77 -0.15
CA GLU C 260 0.64 27.19 -1.27
C GLU C 260 0.46 26.02 -2.22
N ASP C 261 1.43 25.11 -2.29
CA ASP C 261 1.24 23.82 -3.02
C ASP C 261 0.03 23.06 -2.44
N LEU C 262 -0.22 23.18 -1.12
CA LEU C 262 -1.17 22.33 -0.36
C LEU C 262 -2.58 22.95 -0.27
N THR C 263 -2.74 24.28 -0.44
CA THR C 263 -4.04 24.98 -0.19
C THR C 263 -5.09 24.52 -1.20
N GLY C 264 -4.71 24.26 -2.44
CA GLY C 264 -5.63 23.73 -3.46
C GLY C 264 -6.40 22.55 -2.88
N MET C 265 -5.65 21.55 -2.41
CA MET C 265 -6.23 20.30 -1.88
C MET C 265 -6.98 20.59 -0.59
N ALA C 266 -6.54 21.54 0.23
CA ALA C 266 -7.17 21.82 1.54
C ALA C 266 -8.57 22.40 1.30
N ILE C 267 -8.72 23.19 0.25
CA ILE C 267 -10.03 23.78 -0.16
C ILE C 267 -10.90 22.66 -0.76
N PHE C 268 -10.36 21.97 -1.76
CA PHE C 268 -11.03 20.83 -2.45
C PHE C 268 -11.68 19.89 -1.42
N LEU C 269 -10.92 19.47 -0.41
CA LEU C 269 -11.34 18.41 0.54
C LEU C 269 -12.36 18.94 1.54
N ALA C 270 -12.55 20.26 1.57
CA ALA C 270 -13.49 20.95 2.48
C ALA C 270 -14.73 21.41 1.69
N SER C 271 -14.74 21.18 0.38
CA SER C 271 -15.76 21.67 -0.58
C SER C 271 -16.63 20.52 -1.05
N ALA C 272 -17.69 20.87 -1.78
CA ALA C 272 -18.74 19.96 -2.26
C ALA C 272 -18.19 19.07 -3.40
N GLU C 273 -17.08 19.46 -4.05
CA GLU C 273 -16.48 18.67 -5.16
C GLU C 273 -15.84 17.40 -4.59
N SER C 274 -15.70 17.29 -3.28
CA SER C 274 -15.12 16.11 -2.58
C SER C 274 -16.18 15.34 -1.77
N ASP C 275 -17.47 15.63 -1.93
CA ASP C 275 -18.52 14.96 -1.12
C ASP C 275 -18.38 13.42 -1.20
N TYR C 276 -17.95 12.83 -2.31
CA TYR C 276 -17.92 11.34 -2.42
C TYR C 276 -16.60 10.76 -1.92
N ILE C 277 -15.69 11.61 -1.43
CA ILE C 277 -14.31 11.20 -1.06
C ILE C 277 -14.28 10.92 0.43
N VAL C 278 -13.97 9.66 0.80
CA VAL C 278 -14.12 9.11 2.19
C VAL C 278 -12.90 8.27 2.55
N SER C 279 -12.30 8.54 3.71
CA SER C 279 -11.23 7.72 4.34
C SER C 279 -9.96 7.67 3.47
N GLN C 280 -9.68 8.69 2.67
CA GLN C 280 -8.47 8.71 1.80
C GLN C 280 -7.38 9.55 2.45
N THR C 281 -6.12 9.15 2.27
CA THR C 281 -4.93 10.03 2.43
C THR C 281 -4.41 10.37 1.02
N TYR C 282 -4.37 11.66 0.69
CA TYR C 282 -3.90 12.17 -0.62
C TYR C 282 -2.52 12.82 -0.41
N ASN C 283 -1.48 12.23 -1.03
CA ASN C 283 -0.12 12.81 -1.07
C ASN C 283 -0.12 14.01 -2.03
N VAL C 284 0.29 15.16 -1.53
CA VAL C 284 0.57 16.41 -2.26
C VAL C 284 2.04 16.76 -1.95
N ASP C 285 2.98 16.18 -2.68
CA ASP C 285 4.39 16.03 -2.23
C ASP C 285 5.39 16.12 -3.40
N GLY C 286 4.98 16.62 -4.56
CA GLY C 286 5.83 16.69 -5.76
C GLY C 286 6.36 15.32 -6.19
N GLY C 287 5.69 14.23 -5.82
CA GLY C 287 6.10 12.86 -6.23
C GLY C 287 7.02 12.18 -5.24
N ASN C 288 7.20 12.76 -4.07
CA ASN C 288 8.08 12.22 -3.00
C ASN C 288 7.66 10.79 -2.63
N TRP C 289 6.35 10.54 -2.57
CA TRP C 289 5.78 9.22 -2.23
C TRP C 289 4.55 8.97 -3.10
N MET C 290 4.45 7.77 -3.63
CA MET C 290 3.39 7.43 -4.59
C MET C 290 2.39 6.50 -3.94
N SER C 291 1.17 6.96 -3.72
CA SER C 291 0.09 6.15 -3.12
C SER C 291 -1.12 6.17 -4.05
N LYS D 36 -13.80 29.17 -16.41
CA LYS D 36 -13.17 29.30 -15.05
C LYS D 36 -11.83 28.54 -15.04
N ARG D 37 -11.73 27.38 -14.40
CA ARG D 37 -10.43 26.83 -13.91
C ARG D 37 -9.61 26.23 -15.06
N LEU D 38 -10.22 25.90 -16.21
CA LEU D 38 -9.53 25.36 -17.41
C LEU D 38 -9.70 26.30 -18.62
N GLU D 39 -9.92 27.59 -18.36
CA GLU D 39 -10.09 28.64 -19.40
C GLU D 39 -8.98 28.50 -20.44
N GLY D 40 -9.33 28.30 -21.72
CA GLY D 40 -8.37 28.36 -22.84
C GLY D 40 -7.60 27.05 -23.03
N LYS D 41 -7.82 26.05 -22.18
CA LYS D 41 -7.07 24.75 -22.21
C LYS D 41 -7.70 23.81 -23.24
N SER D 42 -6.85 23.12 -23.98
CA SER D 42 -7.24 22.08 -24.95
C SER D 42 -7.10 20.70 -24.30
N ALA D 43 -8.22 19.98 -24.14
CA ALA D 43 -8.29 18.60 -23.58
C ALA D 43 -8.67 17.61 -24.68
N LEU D 44 -8.19 16.36 -24.54
CA LEU D 44 -8.71 15.17 -25.27
C LEU D 44 -9.03 14.13 -24.20
N ILE D 45 -10.26 13.61 -24.20
CA ILE D 45 -10.73 12.52 -23.30
C ILE D 45 -10.99 11.28 -24.16
N THR D 46 -10.28 10.17 -23.96
CA THR D 46 -10.50 8.93 -24.73
C THR D 46 -11.82 8.29 -24.27
N GLY D 47 -12.60 7.75 -25.20
CA GLY D 47 -13.87 7.04 -24.92
C GLY D 47 -14.91 7.89 -24.23
N SER D 48 -15.12 9.11 -24.72
CA SER D 48 -15.90 10.16 -24.00
C SER D 48 -17.21 10.50 -24.71
N ALA D 49 -17.67 9.69 -25.65
CA ALA D 49 -19.01 9.82 -26.26
C ALA D 49 -20.07 9.52 -25.19
N ARG D 50 -19.77 8.61 -24.25
CA ARG D 50 -20.73 8.18 -23.20
C ARG D 50 -20.09 8.10 -21.81
N GLY D 51 -20.94 7.84 -20.80
CA GLY D 51 -20.56 7.50 -19.41
C GLY D 51 -19.67 8.56 -18.77
N ILE D 52 -18.63 8.14 -18.06
CA ILE D 52 -17.80 9.03 -17.20
C ILE D 52 -17.03 10.03 -18.08
N GLY D 53 -16.44 9.55 -19.17
CA GLY D 53 -15.68 10.40 -20.12
C GLY D 53 -16.53 11.59 -20.54
N ARG D 54 -17.80 11.35 -20.84
CA ARG D 54 -18.75 12.39 -21.35
C ARG D 54 -19.06 13.37 -20.23
N ALA D 55 -19.27 12.88 -19.01
CA ALA D 55 -19.44 13.77 -17.83
C ALA D 55 -18.18 14.62 -17.67
N PHE D 56 -16.98 14.09 -17.90
CA PHE D 56 -15.73 14.88 -17.78
C PHE D 56 -15.66 15.96 -18.87
N ALA D 57 -16.06 15.63 -20.10
CA ALA D 57 -16.03 16.59 -21.23
C ALA D 57 -16.98 17.77 -20.96
N GLU D 58 -18.19 17.52 -20.44
CA GLU D 58 -19.18 18.57 -20.13
C GLU D 58 -18.60 19.48 -19.04
N ALA D 59 -18.05 18.88 -17.97
CA ALA D 59 -17.47 19.61 -16.83
C ALA D 59 -16.29 20.46 -17.31
N TYR D 60 -15.43 19.92 -18.16
CA TYR D 60 -14.26 20.65 -18.73
C TYR D 60 -14.74 21.85 -19.57
N VAL D 61 -15.78 21.66 -20.39
CA VAL D 61 -16.34 22.72 -21.27
C VAL D 61 -16.92 23.83 -20.38
N ARG D 62 -17.65 23.43 -19.34
CA ARG D 62 -18.23 24.33 -18.31
C ARG D 62 -17.10 25.19 -17.73
N GLU D 63 -15.93 24.61 -17.52
CA GLU D 63 -14.75 25.29 -16.91
C GLU D 63 -13.93 26.03 -17.98
N GLY D 64 -14.38 25.99 -19.24
CA GLY D 64 -13.87 26.83 -20.33
C GLY D 64 -12.80 26.13 -21.15
N ALA D 65 -12.72 24.80 -21.08
CA ALA D 65 -11.81 24.03 -21.95
C ALA D 65 -12.49 23.78 -23.30
N THR D 66 -11.66 23.70 -24.33
CA THR D 66 -11.97 23.05 -25.62
C THR D 66 -11.70 21.57 -25.37
N VAL D 67 -12.60 20.68 -25.80
CA VAL D 67 -12.49 19.23 -25.49
C VAL D 67 -12.70 18.42 -26.78
N ALA D 68 -11.74 17.55 -27.09
CA ALA D 68 -11.87 16.50 -28.11
C ALA D 68 -12.58 15.30 -27.47
N ILE D 69 -13.79 14.99 -27.97
CA ILE D 69 -14.62 13.80 -27.62
C ILE D 69 -14.13 12.65 -28.49
N ALA D 70 -13.05 11.99 -28.09
CA ALA D 70 -12.44 10.88 -28.82
C ALA D 70 -13.28 9.63 -28.52
N ASP D 71 -13.71 8.93 -29.56
CA ASP D 71 -14.44 7.66 -29.35
C ASP D 71 -14.21 6.79 -30.60
N ILE D 72 -14.26 5.47 -30.41
CA ILE D 72 -14.29 4.48 -31.52
C ILE D 72 -15.59 4.69 -32.29
N ASP D 73 -16.71 4.90 -31.56
CA ASP D 73 -18.03 5.25 -32.14
C ASP D 73 -18.03 6.76 -32.47
N ILE D 74 -17.73 7.11 -33.74
CA ILE D 74 -17.62 8.53 -34.20
C ILE D 74 -19.01 9.20 -34.22
N GLU D 75 -20.08 8.41 -34.34
CA GLU D 75 -21.50 8.89 -34.45
C GLU D 75 -22.00 9.29 -33.06
N ARG D 76 -21.71 8.48 -32.02
CA ARG D 76 -22.06 8.79 -30.61
C ARG D 76 -21.22 9.98 -30.11
N ALA D 77 -20.02 10.19 -30.69
CA ALA D 77 -19.07 11.29 -30.39
C ALA D 77 -19.60 12.62 -30.92
N ARG D 78 -19.88 12.67 -32.23
CA ARG D 78 -20.51 13.82 -32.94
C ARG D 78 -21.79 14.24 -32.20
N GLN D 79 -22.62 13.26 -31.82
CA GLN D 79 -23.83 13.55 -31.02
C GLN D 79 -23.38 14.27 -29.74
N ALA D 80 -22.44 13.67 -29.01
CA ALA D 80 -21.95 14.14 -27.68
C ALA D 80 -21.45 15.57 -27.81
N ALA D 81 -20.73 15.88 -28.89
CA ALA D 81 -20.07 17.17 -29.15
C ALA D 81 -21.10 18.24 -29.54
N ALA D 82 -22.07 17.87 -30.39
CA ALA D 82 -23.25 18.69 -30.77
C ALA D 82 -23.99 19.13 -29.50
N GLU D 83 -24.25 18.20 -28.60
CA GLU D 83 -25.06 18.42 -27.38
C GLU D 83 -24.25 19.22 -26.34
N ILE D 84 -22.94 18.97 -26.20
CA ILE D 84 -22.10 19.63 -25.15
C ILE D 84 -21.89 21.08 -25.55
N GLY D 85 -21.69 21.36 -26.84
CA GLY D 85 -21.65 22.72 -27.40
C GLY D 85 -20.43 22.95 -28.28
N PRO D 86 -20.26 24.18 -28.81
CA PRO D 86 -19.18 24.47 -29.75
C PRO D 86 -17.76 24.16 -29.24
N ALA D 87 -17.50 24.13 -27.94
CA ALA D 87 -16.14 23.95 -27.36
C ALA D 87 -15.74 22.46 -27.41
N ALA D 88 -16.73 21.57 -27.53
CA ALA D 88 -16.56 20.11 -27.78
C ALA D 88 -16.50 19.84 -29.28
N TYR D 89 -15.75 18.83 -29.69
CA TYR D 89 -15.60 18.42 -31.10
C TYR D 89 -15.21 16.95 -31.16
N ALA D 90 -15.78 16.23 -32.13
CA ALA D 90 -15.72 14.77 -32.22
C ALA D 90 -14.43 14.39 -32.95
N VAL D 91 -13.74 13.37 -32.43
CA VAL D 91 -12.51 12.75 -32.99
C VAL D 91 -12.72 11.24 -32.96
N GLN D 92 -12.70 10.58 -34.12
CA GLN D 92 -12.63 9.11 -34.22
C GLN D 92 -11.25 8.68 -33.68
N MET D 93 -11.25 7.69 -32.81
CA MET D 93 -10.02 7.20 -32.15
C MET D 93 -10.22 5.74 -31.72
N ASP D 94 -9.27 4.91 -32.13
CA ASP D 94 -9.09 3.52 -31.63
C ASP D 94 -7.76 3.52 -30.88
N VAL D 95 -7.81 3.51 -29.55
CA VAL D 95 -6.60 3.65 -28.68
C VAL D 95 -5.73 2.39 -28.79
N THR D 96 -6.22 1.30 -29.38
CA THR D 96 -5.41 0.08 -29.67
C THR D 96 -4.55 0.26 -30.94
N ARG D 97 -4.78 1.32 -31.72
CA ARG D 97 -4.07 1.51 -33.02
C ARG D 97 -3.15 2.75 -32.94
N GLN D 98 -1.85 2.57 -33.19
CA GLN D 98 -0.84 3.66 -33.13
C GLN D 98 -1.22 4.78 -34.11
N ASP D 99 -1.60 4.42 -35.34
CA ASP D 99 -1.99 5.39 -36.41
C ASP D 99 -3.20 6.19 -35.94
N SER D 100 -4.24 5.53 -35.43
CA SER D 100 -5.41 6.18 -34.78
C SER D 100 -4.96 7.10 -33.64
N ILE D 101 -4.08 6.66 -32.75
CA ILE D 101 -3.57 7.52 -31.63
C ILE D 101 -2.97 8.82 -32.19
N ASP D 102 -1.96 8.69 -33.05
CA ASP D 102 -1.21 9.86 -33.58
C ASP D 102 -2.16 10.79 -34.34
N ALA D 103 -3.11 10.22 -35.09
CA ALA D 103 -4.10 10.96 -35.92
C ALA D 103 -5.01 11.78 -35.00
N ALA D 104 -5.43 11.22 -33.86
CA ALA D 104 -6.25 11.91 -32.83
C ALA D 104 -5.49 13.12 -32.26
N ILE D 105 -4.24 12.93 -31.83
CA ILE D 105 -3.42 14.04 -31.27
C ILE D 105 -3.29 15.13 -32.33
N ALA D 106 -2.96 14.75 -33.57
CA ALA D 106 -2.77 15.69 -34.71
C ALA D 106 -4.06 16.50 -34.90
N ALA D 107 -5.19 15.79 -34.98
CA ALA D 107 -6.54 16.40 -35.09
C ALA D 107 -6.72 17.41 -33.95
N THR D 108 -6.31 17.02 -32.74
CA THR D 108 -6.41 17.88 -31.54
C THR D 108 -5.63 19.17 -31.77
N VAL D 109 -4.39 19.01 -32.24
CA VAL D 109 -3.45 20.14 -32.54
C VAL D 109 -4.09 21.01 -33.62
N GLU D 110 -4.54 20.39 -34.71
CA GLU D 110 -5.14 21.08 -35.88
C GLU D 110 -6.29 21.97 -35.38
N HIS D 111 -7.22 21.43 -34.60
CA HIS D 111 -8.49 22.12 -34.19
C HIS D 111 -8.21 23.15 -33.10
N ALA D 112 -7.51 22.77 -32.02
CA ALA D 112 -7.47 23.53 -30.75
C ALA D 112 -6.17 24.33 -30.60
N GLY D 113 -5.22 24.15 -31.52
CA GLY D 113 -3.91 24.82 -31.48
C GLY D 113 -2.89 23.98 -30.72
N GLY D 114 -3.33 22.91 -30.07
CA GLY D 114 -2.46 22.00 -29.29
C GLY D 114 -3.23 21.22 -28.25
N LEU D 115 -2.51 20.59 -27.33
CA LEU D 115 -3.08 19.68 -26.30
C LEU D 115 -2.47 20.06 -24.95
N ASP D 116 -3.30 20.35 -23.95
CA ASP D 116 -2.84 20.69 -22.58
C ASP D 116 -3.26 19.61 -21.57
N ILE D 117 -4.40 18.94 -21.77
CA ILE D 117 -4.96 17.91 -20.86
C ILE D 117 -5.28 16.65 -21.68
N LEU D 118 -4.71 15.51 -21.31
CA LEU D 118 -5.24 14.19 -21.74
C LEU D 118 -5.97 13.53 -20.55
N VAL D 119 -7.17 12.99 -20.76
CA VAL D 119 -7.80 11.99 -19.85
C VAL D 119 -7.91 10.66 -20.59
N ASN D 120 -7.17 9.63 -20.12
CA ASN D 120 -7.23 8.21 -20.59
C ASN D 120 -8.40 7.52 -19.88
N ASN D 121 -9.58 7.61 -20.50
CA ASN D 121 -10.87 7.13 -19.94
C ASN D 121 -11.34 5.88 -20.70
N ALA D 122 -10.92 5.66 -21.96
CA ALA D 122 -11.30 4.46 -22.76
C ALA D 122 -10.86 3.21 -22.02
N ALA D 123 -11.79 2.33 -21.67
CA ALA D 123 -11.48 1.06 -21.00
C ALA D 123 -12.49 0.02 -21.45
N LEU D 124 -12.19 -1.25 -21.17
CA LEU D 124 -13.11 -2.37 -21.39
C LEU D 124 -13.11 -3.22 -20.12
N PHE D 125 -14.29 -3.64 -19.68
CA PHE D 125 -14.50 -4.56 -18.55
C PHE D 125 -14.67 -5.98 -19.10
N ASP D 126 -14.23 -6.97 -18.33
CA ASP D 126 -14.58 -8.39 -18.56
C ASP D 126 -14.35 -9.12 -17.26
N LEU D 127 -14.88 -10.33 -17.18
CA LEU D 127 -14.88 -11.09 -15.92
C LEU D 127 -14.83 -12.57 -16.31
N ALA D 128 -14.07 -13.37 -15.59
CA ALA D 128 -14.02 -14.84 -15.73
C ALA D 128 -13.08 -15.41 -14.67
N PRO D 129 -13.40 -16.57 -14.06
CA PRO D 129 -12.46 -17.21 -13.14
C PRO D 129 -11.19 -17.71 -13.86
N ILE D 130 -10.16 -18.02 -13.10
CA ILE D 130 -8.77 -18.27 -13.59
C ILE D 130 -8.80 -19.34 -14.70
N VAL D 131 -9.48 -20.46 -14.46
CA VAL D 131 -9.43 -21.64 -15.37
C VAL D 131 -10.24 -21.35 -16.66
N GLU D 132 -11.00 -20.26 -16.73
CA GLU D 132 -11.83 -19.89 -17.91
C GLU D 132 -11.35 -18.60 -18.57
N ILE D 133 -10.30 -17.97 -18.06
CA ILE D 133 -9.66 -16.81 -18.73
C ILE D 133 -9.20 -17.25 -20.13
N THR D 134 -9.53 -16.46 -21.15
CA THR D 134 -9.11 -16.74 -22.55
C THR D 134 -8.01 -15.77 -22.95
N ARG D 135 -7.14 -16.19 -23.86
CA ARG D 135 -6.13 -15.29 -24.45
C ARG D 135 -6.88 -14.11 -25.11
N GLU D 136 -8.05 -14.34 -25.70
CA GLU D 136 -8.91 -13.27 -26.29
C GLU D 136 -9.22 -12.20 -25.23
N SER D 137 -9.71 -12.55 -24.05
CA SER D 137 -9.98 -11.56 -22.98
C SER D 137 -8.68 -10.81 -22.63
N TYR D 138 -7.64 -11.56 -22.28
CA TYR D 138 -6.32 -11.02 -21.90
C TYR D 138 -5.93 -9.92 -22.92
N GLU D 139 -5.96 -10.28 -24.20
CA GLU D 139 -5.38 -9.47 -25.28
C GLU D 139 -6.26 -8.23 -25.48
N LYS D 140 -7.58 -8.40 -25.37
CA LYS D 140 -8.55 -7.32 -25.65
C LYS D 140 -8.43 -6.28 -24.52
N LEU D 141 -8.41 -6.71 -23.27
CA LEU D 141 -8.46 -5.74 -22.15
C LEU D 141 -7.09 -5.08 -22.02
N PHE D 142 -5.99 -5.80 -22.22
CA PHE D 142 -4.62 -5.20 -22.12
C PHE D 142 -4.43 -4.21 -23.25
N ALA D 143 -4.88 -4.55 -24.46
CA ALA D 143 -4.71 -3.67 -25.66
C ALA D 143 -5.38 -2.33 -25.36
N ILE D 144 -6.59 -2.33 -24.78
CA ILE D 144 -7.36 -1.07 -24.57
C ILE D 144 -6.91 -0.41 -23.25
N ASN D 145 -6.89 -1.17 -22.15
CA ASN D 145 -6.75 -0.63 -20.77
C ASN D 145 -5.30 -0.22 -20.50
N VAL D 146 -4.34 -0.98 -21.02
CA VAL D 146 -2.90 -0.77 -20.72
C VAL D 146 -2.23 -0.12 -21.95
N ALA D 147 -2.08 -0.83 -23.07
CA ALA D 147 -1.46 -0.29 -24.30
C ALA D 147 -2.16 1.03 -24.71
N GLY D 148 -3.49 1.08 -24.68
CA GLY D 148 -4.24 2.27 -25.09
C GLY D 148 -3.90 3.48 -24.23
N THR D 149 -3.83 3.27 -22.92
CA THR D 149 -3.45 4.32 -21.95
C THR D 149 -1.99 4.69 -22.22
N LEU D 150 -1.10 3.70 -22.30
CA LEU D 150 0.37 3.95 -22.35
C LEU D 150 0.76 4.75 -23.61
N PHE D 151 0.27 4.34 -24.78
CA PHE D 151 0.67 4.91 -26.10
C PHE D 151 -0.11 6.21 -26.36
N THR D 152 -1.33 6.34 -25.85
CA THR D 152 -2.06 7.66 -25.87
C THR D 152 -1.33 8.63 -24.95
N LEU D 153 -0.97 8.19 -23.73
CA LEU D 153 -0.14 9.02 -22.83
C LEU D 153 1.16 9.41 -23.55
N GLN D 154 1.85 8.45 -24.17
CA GLN D 154 3.15 8.67 -24.86
C GLN D 154 2.98 9.72 -25.95
N ALA D 155 1.91 9.63 -26.75
CA ALA D 155 1.66 10.57 -27.85
C ALA D 155 1.32 11.98 -27.30
N ALA D 156 0.52 12.10 -26.24
CA ALA D 156 0.21 13.41 -25.59
C ALA D 156 1.50 13.99 -25.00
N ALA D 157 2.36 13.18 -24.41
CA ALA D 157 3.63 13.65 -23.79
C ALA D 157 4.51 14.30 -24.87
N ARG D 158 4.80 13.57 -25.95
CA ARG D 158 5.60 14.10 -27.08
C ARG D 158 5.06 15.47 -27.48
N GLN D 159 3.74 15.59 -27.67
CA GLN D 159 3.09 16.85 -28.11
C GLN D 159 3.34 17.92 -27.05
N MET D 160 3.20 17.55 -25.78
CA MET D 160 3.28 18.53 -24.65
C MET D 160 4.73 19.01 -24.51
N ILE D 161 5.70 18.12 -24.67
CA ILE D 161 7.15 18.44 -24.66
C ILE D 161 7.44 19.43 -25.80
N ALA D 162 6.93 19.17 -27.01
CA ALA D 162 7.23 19.99 -28.21
C ALA D 162 6.68 21.41 -27.96
N GLN D 163 5.53 21.52 -27.30
CA GLN D 163 4.84 22.81 -27.04
C GLN D 163 5.63 23.63 -26.01
N GLY D 164 6.29 22.97 -25.05
CA GLY D 164 7.07 23.59 -23.98
C GLY D 164 6.22 24.36 -22.99
N ARG D 165 4.94 23.98 -22.79
CA ARG D 165 4.04 24.71 -21.87
C ARG D 165 3.59 23.81 -20.72
N GLY D 166 4.16 22.61 -20.60
CA GLY D 166 3.73 21.60 -19.62
C GLY D 166 2.42 20.95 -20.01
N GLY D 167 1.72 20.38 -19.03
CA GLY D 167 0.53 19.56 -19.31
C GLY D 167 -0.02 18.87 -18.08
N LYS D 168 -1.19 18.28 -18.27
CA LYS D 168 -1.93 17.48 -17.28
C LYS D 168 -2.35 16.19 -17.99
N ILE D 169 -1.92 15.05 -17.43
CA ILE D 169 -2.40 13.72 -17.87
C ILE D 169 -3.05 13.05 -16.68
N ILE D 170 -4.28 12.58 -16.90
CA ILE D 170 -5.13 11.90 -15.89
C ILE D 170 -5.47 10.52 -16.45
N ASN D 171 -4.97 9.47 -15.80
CA ASN D 171 -5.34 8.07 -16.08
C ASN D 171 -6.56 7.68 -15.23
N MET D 172 -7.48 6.92 -15.81
CA MET D 172 -8.63 6.31 -15.10
C MET D 172 -8.17 4.94 -14.63
N ALA D 173 -7.91 4.85 -13.33
CA ALA D 173 -7.64 3.58 -12.61
C ALA D 173 -9.00 3.04 -12.15
N SER D 174 -9.01 2.27 -11.07
CA SER D 174 -10.22 1.60 -10.51
C SER D 174 -9.89 1.09 -9.12
N GLN D 175 -10.90 0.81 -8.32
CA GLN D 175 -10.70 0.02 -7.08
C GLN D 175 -10.06 -1.30 -7.48
N ALA D 176 -10.40 -1.81 -8.67
CA ALA D 176 -9.92 -3.10 -9.24
C ALA D 176 -8.40 -3.09 -9.33
N GLY D 177 -7.81 -1.92 -9.54
CA GLY D 177 -6.34 -1.75 -9.64
C GLY D 177 -5.66 -1.73 -8.27
N ARG D 178 -6.45 -1.64 -7.20
CA ARG D 178 -5.92 -1.49 -5.81
C ARG D 178 -5.78 -2.88 -5.19
N ARG D 179 -6.62 -3.84 -5.60
CA ARG D 179 -6.60 -5.22 -5.02
C ARG D 179 -7.21 -6.17 -6.06
N GLY D 180 -6.76 -7.43 -6.08
CA GLY D 180 -7.32 -8.47 -6.92
C GLY D 180 -8.67 -8.95 -6.39
N GLU D 181 -9.39 -9.68 -7.24
CA GLU D 181 -10.69 -10.35 -6.95
C GLU D 181 -10.66 -11.65 -7.76
N ALA D 182 -11.17 -12.72 -7.15
CA ALA D 182 -11.26 -14.10 -7.73
C ALA D 182 -11.71 -14.09 -9.20
N LEU D 183 -12.72 -13.27 -9.55
CA LEU D 183 -13.42 -13.40 -10.86
C LEU D 183 -12.84 -12.42 -11.89
N VAL D 184 -11.98 -11.49 -11.45
CA VAL D 184 -11.72 -10.20 -12.16
C VAL D 184 -10.21 -10.03 -12.39
N ALA D 185 -9.49 -11.14 -12.62
CA ALA D 185 -8.02 -11.15 -12.66
C ALA D 185 -7.57 -10.21 -13.77
N ILE D 186 -8.17 -10.34 -14.96
CA ILE D 186 -7.64 -9.63 -16.16
C ILE D 186 -7.86 -8.14 -15.97
N TYR D 187 -9.07 -7.70 -15.58
CA TYR D 187 -9.41 -6.25 -15.49
C TYR D 187 -8.66 -5.63 -14.29
N CYS D 188 -8.53 -6.35 -13.16
CA CYS D 188 -7.74 -5.91 -11.97
C CYS D 188 -6.28 -5.70 -12.36
N ALA D 189 -5.71 -6.68 -13.08
CA ALA D 189 -4.33 -6.63 -13.60
C ALA D 189 -4.17 -5.42 -14.52
N THR D 190 -5.13 -5.08 -15.37
CA THR D 190 -4.96 -3.93 -16.29
C THR D 190 -4.93 -2.62 -15.49
N LYS D 191 -5.83 -2.50 -14.53
CA LYS D 191 -5.95 -1.30 -13.66
C LYS D 191 -4.75 -1.21 -12.71
N ALA D 192 -4.18 -2.33 -12.30
CA ALA D 192 -2.94 -2.35 -11.51
C ALA D 192 -1.82 -1.79 -12.37
N ALA D 193 -1.74 -2.20 -13.63
CA ALA D 193 -0.70 -1.72 -14.57
C ALA D 193 -0.90 -0.22 -14.81
N VAL D 194 -2.14 0.27 -14.92
CA VAL D 194 -2.42 1.74 -15.10
C VAL D 194 -1.85 2.51 -13.91
N ILE D 195 -2.04 2.04 -12.68
CA ILE D 195 -1.53 2.76 -11.47
C ILE D 195 0.00 2.82 -11.55
N SER D 196 0.62 1.70 -11.91
CA SER D 196 2.09 1.57 -12.02
C SER D 196 2.57 2.56 -13.08
N LEU D 197 1.98 2.50 -14.26
CA LEU D 197 2.29 3.38 -15.42
C LEU D 197 2.08 4.84 -15.03
N THR D 198 1.04 5.13 -14.27
CA THR D 198 0.78 6.50 -13.74
C THR D 198 1.97 6.94 -12.88
N GLN D 199 2.57 6.03 -12.09
CA GLN D 199 3.69 6.38 -11.19
C GLN D 199 4.93 6.69 -12.06
N SER D 200 5.26 5.78 -12.96
CA SER D 200 6.45 5.79 -13.85
C SER D 200 6.39 7.03 -14.76
N ALA D 201 5.29 7.23 -15.46
CA ALA D 201 5.15 8.41 -16.35
C ALA D 201 5.20 9.69 -15.50
N GLY D 202 4.46 9.76 -14.39
CA GLY D 202 4.50 10.96 -13.51
C GLY D 202 5.94 11.35 -13.19
N LEU D 203 6.83 10.39 -12.89
CA LEU D 203 8.21 10.68 -12.46
C LEU D 203 9.04 11.13 -13.66
N ASP D 204 8.79 10.55 -14.83
CA ASP D 204 9.63 10.78 -16.03
C ASP D 204 9.27 12.13 -16.64
N LEU D 205 8.01 12.57 -16.51
CA LEU D 205 7.40 13.68 -17.30
C LEU D 205 7.34 14.96 -16.47
N ILE D 206 7.53 14.88 -15.17
CA ILE D 206 7.40 16.08 -14.31
C ILE D 206 8.49 17.10 -14.69
N LYS D 207 9.66 16.65 -15.12
CA LYS D 207 10.73 17.61 -15.54
C LYS D 207 10.24 18.48 -16.71
N HIS D 208 9.26 18.02 -17.50
CA HIS D 208 8.64 18.79 -18.62
C HIS D 208 7.43 19.57 -18.11
N ARG D 209 7.23 19.64 -16.79
CA ARG D 209 6.03 20.22 -16.12
C ARG D 209 4.75 19.53 -16.63
N ILE D 210 4.82 18.23 -16.87
CA ILE D 210 3.60 17.41 -17.17
C ILE D 210 3.27 16.62 -15.90
N ASN D 211 2.08 16.84 -15.32
CA ASN D 211 1.56 16.12 -14.12
C ASN D 211 0.79 14.89 -14.56
N VAL D 212 1.30 13.71 -14.26
CA VAL D 212 0.59 12.44 -14.55
C VAL D 212 0.06 11.91 -13.22
N ASN D 213 -1.24 11.76 -13.14
CA ASN D 213 -1.93 11.28 -11.93
C ASN D 213 -3.08 10.45 -12.47
N ALA D 214 -3.82 9.79 -11.58
CA ALA D 214 -4.93 8.91 -11.94
C ALA D 214 -6.06 9.05 -10.92
N ILE D 215 -7.26 8.68 -11.31
CA ILE D 215 -8.45 8.64 -10.44
C ILE D 215 -8.89 7.19 -10.37
N ALA D 216 -9.15 6.68 -9.17
CA ALA D 216 -9.69 5.31 -8.99
C ALA D 216 -11.10 5.44 -8.46
N PRO D 217 -12.11 5.35 -9.35
CA PRO D 217 -13.50 5.24 -8.93
C PRO D 217 -13.67 3.89 -8.22
N GLY D 218 -14.72 3.74 -7.41
CA GLY D 218 -15.11 2.44 -6.85
C GLY D 218 -16.11 1.79 -7.77
N VAL D 219 -17.40 1.89 -7.42
CA VAL D 219 -18.53 1.51 -8.30
C VAL D 219 -19.27 2.79 -8.74
N VAL D 220 -19.32 2.99 -10.05
CA VAL D 220 -19.94 4.20 -10.65
C VAL D 220 -21.06 3.73 -11.56
N ASP D 221 -22.25 4.29 -11.39
CA ASP D 221 -23.46 3.94 -12.15
C ASP D 221 -23.27 4.31 -13.63
N GLY D 222 -24.10 3.74 -14.49
CA GLY D 222 -24.22 4.11 -15.91
C GLY D 222 -24.65 2.90 -16.71
N GLU D 223 -24.87 3.08 -18.01
CA GLU D 223 -25.38 2.02 -18.92
C GLU D 223 -24.48 0.79 -18.86
N HIS D 224 -23.17 0.99 -18.61
CA HIS D 224 -22.15 -0.09 -18.51
C HIS D 224 -22.54 -1.09 -17.42
N TRP D 225 -23.25 -0.69 -16.35
CA TRP D 225 -23.55 -1.61 -15.22
C TRP D 225 -24.51 -2.75 -15.63
N ASP D 226 -25.37 -2.54 -16.63
CA ASP D 226 -26.20 -3.62 -17.20
C ASP D 226 -25.28 -4.79 -17.59
N GLY D 227 -24.24 -4.50 -18.38
CA GLY D 227 -23.20 -5.45 -18.77
C GLY D 227 -22.47 -6.05 -17.59
N VAL D 228 -22.08 -5.23 -16.61
CA VAL D 228 -21.21 -5.64 -15.47
C VAL D 228 -22.01 -6.58 -14.57
N ASP D 229 -23.21 -6.16 -14.15
CA ASP D 229 -24.12 -7.01 -13.32
C ASP D 229 -24.36 -8.35 -14.04
N ALA D 230 -24.57 -8.33 -15.36
CA ALA D 230 -24.87 -9.55 -16.16
C ALA D 230 -23.72 -10.55 -16.03
N LEU D 231 -22.48 -10.09 -16.17
CA LEU D 231 -21.29 -10.96 -15.97
C LEU D 231 -21.30 -11.53 -14.55
N PHE D 232 -21.43 -10.71 -13.50
CA PHE D 232 -21.40 -11.21 -12.08
C PHE D 232 -22.59 -12.17 -11.85
N ALA D 233 -23.76 -11.78 -12.36
CA ALA D 233 -25.00 -12.59 -12.34
C ALA D 233 -24.68 -14.01 -12.83
N ARG D 234 -24.09 -14.10 -14.02
CA ARG D 234 -23.77 -15.38 -14.72
C ARG D 234 -22.82 -16.22 -13.87
N TYR D 235 -21.64 -15.66 -13.53
CA TYR D 235 -20.54 -16.43 -12.89
C TYR D 235 -20.73 -16.54 -11.37
N GLU D 236 -21.53 -15.69 -10.71
CA GLU D 236 -21.78 -15.87 -9.23
C GLU D 236 -23.15 -16.53 -9.02
N ASN D 237 -23.87 -16.79 -10.12
CA ASN D 237 -25.24 -17.37 -10.14
C ASN D 237 -26.17 -16.54 -9.23
N ARG D 238 -26.48 -15.31 -9.63
CA ARG D 238 -27.35 -14.40 -8.87
C ARG D 238 -28.52 -13.98 -9.74
N PRO D 239 -29.65 -13.53 -9.15
CA PRO D 239 -30.67 -12.84 -9.93
C PRO D 239 -30.02 -11.57 -10.49
N ARG D 240 -30.34 -11.24 -11.75
CA ARG D 240 -29.97 -9.98 -12.42
C ARG D 240 -30.24 -8.80 -11.47
N GLY D 241 -29.32 -7.82 -11.41
CA GLY D 241 -29.46 -6.59 -10.60
C GLY D 241 -29.13 -6.77 -9.13
N GLU D 242 -29.00 -8.00 -8.64
CA GLU D 242 -28.64 -8.22 -7.21
C GLU D 242 -27.23 -7.69 -6.95
N LYS D 243 -26.26 -8.01 -7.81
CA LYS D 243 -24.86 -7.56 -7.61
C LYS D 243 -24.84 -6.01 -7.61
N LYS D 244 -25.47 -5.40 -8.58
CA LYS D 244 -25.44 -3.93 -8.72
C LYS D 244 -26.03 -3.32 -7.45
N ARG D 245 -27.13 -3.90 -6.97
CA ARG D 245 -27.77 -3.46 -5.73
C ARG D 245 -26.84 -3.68 -4.53
N LEU D 246 -26.35 -4.88 -4.29
CA LEU D 246 -25.45 -5.17 -3.14
C LEU D 246 -24.24 -4.24 -3.19
N VAL D 247 -23.68 -4.04 -4.37
CA VAL D 247 -22.40 -3.31 -4.58
C VAL D 247 -22.61 -1.85 -4.16
N GLY D 248 -23.71 -1.24 -4.60
CA GLY D 248 -24.14 0.13 -4.22
C GLY D 248 -24.39 0.27 -2.72
N GLU D 249 -25.04 -0.72 -2.09
CA GLU D 249 -25.37 -0.70 -0.64
C GLU D 249 -24.13 -0.85 0.26
N ALA D 250 -23.07 -1.55 -0.20
CA ALA D 250 -21.81 -1.78 0.56
C ALA D 250 -20.90 -0.55 0.52
N VAL D 251 -21.10 0.37 -0.41
CA VAL D 251 -20.30 1.63 -0.43
C VAL D 251 -20.50 2.29 0.93
N PRO D 252 -19.44 2.49 1.75
CA PRO D 252 -19.60 3.19 3.02
C PRO D 252 -20.37 4.52 2.89
N PHE D 253 -20.18 5.29 1.81
CA PHE D 253 -20.89 6.59 1.60
C PHE D 253 -22.39 6.34 1.58
N GLY D 254 -22.81 5.20 1.04
CA GLY D 254 -24.20 4.70 1.19
C GLY D 254 -24.92 4.60 -0.14
N ARG D 255 -24.26 4.94 -1.25
CA ARG D 255 -24.83 4.73 -2.59
C ARG D 255 -23.75 4.41 -3.63
N MET D 256 -24.15 3.68 -4.68
CA MET D 256 -23.49 3.63 -6.01
C MET D 256 -23.08 5.06 -6.40
N GLY D 257 -21.87 5.23 -6.91
CA GLY D 257 -21.34 6.54 -7.31
C GLY D 257 -21.96 6.98 -8.62
N THR D 258 -21.85 8.27 -8.92
CA THR D 258 -22.24 8.91 -10.20
C THR D 258 -20.96 9.44 -10.85
N ALA D 259 -21.00 9.73 -12.15
CA ALA D 259 -19.92 10.41 -12.88
C ALA D 259 -19.71 11.79 -12.25
N GLU D 260 -20.77 12.44 -11.72
CA GLU D 260 -20.72 13.83 -11.17
C GLU D 260 -19.98 13.84 -9.83
N ASP D 261 -19.88 12.69 -9.16
CA ASP D 261 -18.99 12.51 -7.99
C ASP D 261 -17.52 12.72 -8.40
N LEU D 262 -17.16 12.35 -9.63
CA LEU D 262 -15.75 12.28 -10.11
C LEU D 262 -15.30 13.59 -10.78
N THR D 263 -16.23 14.47 -11.17
CA THR D 263 -15.90 15.65 -12.05
C THR D 263 -15.08 16.67 -11.26
N GLY D 264 -15.35 16.84 -9.96
CA GLY D 264 -14.55 17.65 -9.04
C GLY D 264 -13.07 17.30 -9.15
N MET D 265 -12.74 16.02 -9.00
CA MET D 265 -11.34 15.55 -9.03
C MET D 265 -10.78 15.71 -10.44
N ALA D 266 -11.55 15.35 -11.49
CA ALA D 266 -11.11 15.48 -12.89
C ALA D 266 -10.73 16.93 -13.21
N ILE D 267 -11.51 17.89 -12.73
CA ILE D 267 -11.19 19.34 -12.91
C ILE D 267 -9.93 19.63 -12.08
N PHE D 268 -9.95 19.25 -10.81
CA PHE D 268 -8.89 19.59 -9.84
C PHE D 268 -7.51 19.20 -10.39
N LEU D 269 -7.37 17.96 -10.91
CA LEU D 269 -6.08 17.37 -11.35
C LEU D 269 -5.59 17.92 -12.71
N ALA D 270 -6.45 18.66 -13.42
CA ALA D 270 -6.13 19.35 -14.69
C ALA D 270 -5.95 20.85 -14.42
N SER D 271 -6.16 21.30 -13.19
CA SER D 271 -6.11 22.74 -12.81
C SER D 271 -4.78 23.03 -12.11
N ALA D 272 -4.46 24.31 -11.95
CA ALA D 272 -3.21 24.82 -11.34
C ALA D 272 -3.15 24.48 -9.84
N GLU D 273 -4.29 24.15 -9.22
CA GLU D 273 -4.35 23.80 -7.77
C GLU D 273 -3.68 22.44 -7.51
N SER D 274 -3.42 21.64 -8.54
CA SER D 274 -2.77 20.30 -8.46
C SER D 274 -1.36 20.30 -9.07
N ASP D 275 -0.78 21.45 -9.37
CA ASP D 275 0.57 21.52 -10.00
C ASP D 275 1.61 20.68 -9.23
N TYR D 276 1.55 20.58 -7.89
CA TYR D 276 2.59 19.90 -7.09
C TYR D 276 2.27 18.41 -6.94
N ILE D 277 1.17 17.97 -7.53
CA ILE D 277 0.65 16.59 -7.34
C ILE D 277 1.18 15.75 -8.51
N VAL D 278 1.93 14.69 -8.17
CA VAL D 278 2.73 13.92 -9.16
C VAL D 278 2.65 12.44 -8.81
N SER D 279 2.31 11.61 -9.80
CA SER D 279 2.44 10.13 -9.74
C SER D 279 1.49 9.53 -8.68
N GLN D 280 0.37 10.19 -8.41
CA GLN D 280 -0.65 9.72 -7.42
C GLN D 280 -1.86 9.09 -8.10
N THR D 281 -2.43 8.07 -7.46
CA THR D 281 -3.80 7.56 -7.72
C THR D 281 -4.69 7.99 -6.55
N TYR D 282 -5.73 8.75 -6.85
CA TYR D 282 -6.68 9.27 -5.84
C TYR D 282 -7.98 8.47 -5.97
N ASN D 283 -8.32 7.70 -4.92
CA ASN D 283 -9.63 6.99 -4.85
C ASN D 283 -10.74 8.00 -4.60
N VAL D 284 -11.72 8.03 -5.50
CA VAL D 284 -13.00 8.76 -5.32
C VAL D 284 -14.10 7.73 -5.42
N ASP D 285 -14.49 7.15 -4.29
CA ASP D 285 -15.16 5.83 -4.28
C ASP D 285 -16.09 5.67 -3.08
N GLY D 286 -16.40 6.73 -2.33
CA GLY D 286 -17.28 6.65 -1.14
C GLY D 286 -16.72 5.76 -0.03
N GLY D 287 -15.41 5.47 -0.03
CA GLY D 287 -14.77 4.66 1.02
C GLY D 287 -14.58 3.21 0.62
N ASN D 288 -14.88 2.84 -0.63
CA ASN D 288 -14.81 1.44 -1.10
C ASN D 288 -13.41 0.87 -0.92
N TRP D 289 -12.40 1.69 -1.16
CA TRP D 289 -10.98 1.33 -0.97
C TRP D 289 -10.28 2.53 -0.37
N MET D 290 -9.38 2.29 0.56
CA MET D 290 -8.71 3.36 1.32
C MET D 290 -7.23 3.30 0.98
N SER D 291 -6.72 4.37 0.36
CA SER D 291 -5.32 4.48 -0.10
C SER D 291 -4.73 5.80 0.39
#